data_6A9F
#
_entry.id   6A9F
#
_cell.length_a   39.729
_cell.length_b   53.285
_cell.length_c   94.882
_cell.angle_alpha   104.56
_cell.angle_beta   91.14
_cell.angle_gamma   94.16
#
_symmetry.space_group_name_H-M   'P 1'
#
loop_
_entity.id
_entity.type
_entity.pdbx_description
1 polymer 'aromatic prenyltransferase'
2 non-polymer 'MAGNESIUM ION'
3 non-polymer 'CALCIUM ION'
4 non-polymer 4-(1~{H}-indol-3-yl)butan-2-one
5 non-polymer GLYCEROL
6 water water
#
_entity_poly.entity_id   1
_entity_poly.type   'polypeptide(L)'
_entity_poly.pdbx_seq_one_letter_code
;MGSSHHHHHHSSGLVPRGSHMASAVSIPIKNAGFEEPSLTVEDYYTIDTPPGWITYDPNGLVPAKRTRITSNNGVGYTGP
NSAYYNHKAPEGRNVAYVYLAQEIGSGIAGLEQTLDAVLKPNTKYTLTVDIGNSGGSFQGFPLDGFPGYRVELLAGDTVL
AADQNNLYIKEKDFKTTTVTFIATPESPYLGQHLGIRLINPLQGKFSGVDFDNVRLTAEPAET
;
_entity_poly.pdbx_strand_id   A,B,C,D
#
# COMPACT_ATOMS: atom_id res chain seq x y z
N ALA A 24 -8.95 -24.82 -36.97
CA ALA A 24 -9.27 -23.38 -36.73
C ALA A 24 -8.72 -22.56 -37.89
N VAL A 25 -9.49 -21.59 -38.40
CA VAL A 25 -9.05 -20.83 -39.57
C VAL A 25 -8.41 -19.51 -39.15
N SER A 26 -7.21 -19.25 -39.67
CA SER A 26 -6.42 -18.07 -39.36
C SER A 26 -7.00 -16.89 -40.13
N ILE A 27 -7.21 -15.77 -39.42
CA ILE A 27 -7.69 -14.56 -40.01
C ILE A 27 -6.47 -13.67 -40.21
N PRO A 28 -6.21 -13.22 -41.45
CA PRO A 28 -5.09 -12.31 -41.71
C PRO A 28 -5.12 -10.97 -40.96
N ILE A 29 -3.96 -10.63 -40.38
CA ILE A 29 -3.71 -9.38 -39.67
C ILE A 29 -2.44 -8.74 -40.25
N LYS A 30 -2.48 -7.43 -40.52
CA LYS A 30 -1.33 -6.67 -41.03
C LYS A 30 -0.25 -6.51 -39.95
N ASN A 31 1.00 -6.85 -40.31
CA ASN A 31 2.18 -6.67 -39.46
C ASN A 31 1.85 -7.21 -38.06
N ALA A 32 1.42 -8.48 -38.01
CA ALA A 32 0.83 -9.12 -36.82
C ALA A 32 1.88 -9.40 -35.74
N GLY A 33 3.14 -9.38 -36.15
CA GLY A 33 4.31 -9.75 -35.34
C GLY A 33 5.21 -8.54 -35.13
N PHE A 34 4.79 -7.42 -35.71
CA PHE A 34 5.51 -6.16 -35.66
C PHE A 34 6.89 -6.31 -36.34
N GLU A 35 7.02 -7.29 -37.24
CA GLU A 35 8.27 -7.57 -37.98
C GLU A 35 8.57 -6.49 -39.03
N GLU A 36 7.60 -5.62 -39.34
CA GLU A 36 7.81 -4.40 -40.13
C GLU A 36 7.76 -3.19 -39.21
N PRO A 37 8.81 -2.35 -39.21
CA PRO A 37 9.99 -2.51 -40.03
C PRO A 37 11.01 -3.54 -39.52
N SER A 38 11.82 -4.06 -40.46
CA SER A 38 13.08 -4.78 -40.19
C SER A 38 14.05 -3.81 -39.50
N LEU A 39 14.69 -4.32 -38.45
CA LEU A 39 15.73 -3.60 -37.71
C LEU A 39 16.99 -4.50 -37.69
N THR A 40 18.12 -3.87 -37.42
CA THR A 40 19.43 -4.53 -37.39
C THR A 40 20.06 -4.43 -36.00
N VAL A 41 19.89 -3.27 -35.33
CA VAL A 41 20.63 -2.92 -34.11
C VAL A 41 19.87 -3.43 -32.88
N GLU A 42 20.52 -4.32 -32.11
CA GLU A 42 19.88 -4.89 -30.93
C GLU A 42 19.46 -3.75 -29.97
N ASP A 43 18.27 -3.92 -29.39
CA ASP A 43 17.61 -3.02 -28.44
C ASP A 43 17.34 -1.62 -29.04
N TYR A 44 17.38 -1.47 -30.37
CA TYR A 44 16.91 -0.23 -31.00
C TYR A 44 15.38 -0.23 -31.10
N TYR A 45 14.78 0.96 -30.98
CA TYR A 45 13.33 1.17 -30.84
C TYR A 45 12.97 2.30 -31.83
N THR A 46 11.98 2.06 -32.69
CA THR A 46 11.42 3.10 -33.52
C THR A 46 10.51 3.98 -32.66
N ILE A 47 10.08 5.10 -33.22
CA ILE A 47 9.15 5.99 -32.51
C ILE A 47 7.94 6.37 -33.39
N ASP A 48 7.60 5.55 -34.38
CA ASP A 48 6.39 5.81 -35.15
C ASP A 48 5.44 4.62 -35.00
N THR A 49 4.14 4.88 -35.09
CA THR A 49 3.18 3.80 -35.08
C THR A 49 3.66 2.61 -35.93
N PRO A 50 3.66 1.36 -35.45
CA PRO A 50 3.92 0.23 -36.33
C PRO A 50 3.06 0.29 -37.61
N PRO A 51 3.64 0.02 -38.80
CA PRO A 51 2.84 -0.06 -40.02
C PRO A 51 1.75 -1.12 -39.93
N GLY A 52 0.58 -0.77 -40.46
CA GLY A 52 -0.58 -1.63 -40.48
C GLY A 52 -1.45 -1.44 -39.25
N TRP A 53 -0.91 -0.79 -38.22
CA TRP A 53 -1.60 -0.48 -36.97
C TRP A 53 -1.85 1.02 -36.91
N ILE A 54 -2.83 1.42 -36.10
CA ILE A 54 -3.21 2.82 -35.87
C ILE A 54 -2.99 3.14 -34.38
N THR A 55 -2.58 4.38 -34.08
CA THR A 55 -2.48 4.81 -32.70
C THR A 55 -3.90 5.00 -32.15
N TYR A 56 -4.20 4.26 -31.09
CA TYR A 56 -5.42 4.41 -30.34
C TYR A 56 -5.16 5.30 -29.14
N ASP A 57 -5.85 6.44 -29.10
CA ASP A 57 -5.47 7.52 -28.23
C ASP A 57 -6.72 8.35 -27.88
N PRO A 58 -7.74 7.74 -27.23
CA PRO A 58 -9.01 8.42 -26.94
C PRO A 58 -8.86 9.59 -25.97
N ASN A 59 -7.78 9.60 -25.16
CA ASN A 59 -7.60 10.60 -24.11
C ASN A 59 -6.44 11.56 -24.41
N GLY A 60 -6.02 11.66 -25.67
CA GLY A 60 -4.98 12.60 -26.09
C GLY A 60 -3.68 12.53 -25.27
N LEU A 61 -3.19 11.31 -25.03
CA LEU A 61 -1.96 11.06 -24.26
C LEU A 61 -0.73 10.98 -25.18
N VAL A 62 -0.93 10.66 -26.46
CA VAL A 62 0.16 10.54 -27.43
C VAL A 62 0.15 11.78 -28.33
N PRO A 63 1.15 12.66 -28.14
CA PRO A 63 1.20 13.95 -28.83
C PRO A 63 1.63 13.80 -30.29
N ALA A 64 1.31 14.84 -31.07
CA ALA A 64 1.63 14.93 -32.50
C ALA A 64 3.14 14.84 -32.73
N LYS A 65 3.87 15.62 -31.91
CA LYS A 65 5.31 15.67 -31.86
C LYS A 65 5.86 14.79 -30.72
N ARG A 66 6.52 13.69 -31.08
CA ARG A 66 7.05 12.74 -30.15
C ARG A 66 8.54 13.01 -29.96
N THR A 67 8.95 13.07 -28.70
CA THR A 67 10.34 13.24 -28.36
C THR A 67 10.72 12.16 -27.33
N ARG A 68 11.92 12.29 -26.79
CA ARG A 68 12.47 11.32 -25.89
C ARG A 68 11.56 11.22 -24.67
N ILE A 69 10.91 12.32 -24.29
CA ILE A 69 10.30 12.43 -22.99
C ILE A 69 8.77 12.38 -23.08
N THR A 70 8.21 12.09 -24.26
CA THR A 70 6.76 12.06 -24.44
C THR A 70 6.32 10.60 -24.42
N SER A 71 5.01 10.44 -24.40
CA SER A 71 4.42 9.16 -24.73
C SER A 71 4.94 8.75 -26.11
N ASN A 72 5.07 7.45 -26.34
CA ASN A 72 5.62 6.95 -27.60
C ASN A 72 5.04 5.55 -27.83
N ASN A 73 4.91 5.17 -29.12
CA ASN A 73 4.76 3.78 -29.51
C ASN A 73 5.63 3.54 -30.75
N GLY A 74 5.84 2.26 -31.03
CA GLY A 74 6.75 1.84 -32.08
C GLY A 74 7.07 0.37 -31.96
N VAL A 75 8.21 0.01 -32.56
CA VAL A 75 8.69 -1.38 -32.56
C VAL A 75 10.10 -1.41 -31.95
N GLY A 76 10.41 -2.56 -31.34
CA GLY A 76 11.73 -2.75 -30.76
C GLY A 76 12.33 -4.10 -31.13
N TYR A 77 13.61 -4.07 -31.54
CA TYR A 77 14.38 -5.29 -31.81
C TYR A 77 14.73 -5.92 -30.46
N THR A 78 14.14 -7.07 -30.19
CA THR A 78 14.36 -7.85 -28.99
C THR A 78 15.01 -9.19 -29.37
N GLY A 79 16.35 -9.21 -29.33
CA GLY A 79 17.12 -10.42 -29.62
C GLY A 79 17.47 -11.23 -28.35
N PRO A 80 18.30 -12.30 -28.48
CA PRO A 80 18.60 -13.17 -27.34
C PRO A 80 19.48 -12.54 -26.24
N ASN A 81 20.13 -11.42 -26.55
CA ASN A 81 20.94 -10.67 -25.58
C ASN A 81 20.34 -9.28 -25.32
N SER A 82 19.01 -9.17 -25.41
CA SER A 82 18.28 -7.95 -25.01
C SER A 82 18.61 -7.53 -23.59
N ALA A 83 18.83 -6.23 -23.40
CA ALA A 83 18.92 -5.64 -22.07
C ALA A 83 17.57 -5.64 -21.33
N TYR A 84 16.45 -5.97 -22.00
CA TYR A 84 15.13 -5.64 -21.45
C TYR A 84 14.31 -6.92 -21.21
N TYR A 85 14.72 -8.03 -21.83
CA TYR A 85 14.03 -9.28 -21.76
C TYR A 85 15.06 -10.41 -21.64
N ASN A 86 14.71 -11.45 -20.86
CA ASN A 86 15.55 -12.62 -20.63
C ASN A 86 15.69 -13.42 -21.93
N HIS A 87 14.58 -13.69 -22.64
CA HIS A 87 14.65 -14.38 -23.94
C HIS A 87 14.36 -13.40 -25.08
N LYS A 88 14.66 -13.78 -26.33
CA LYS A 88 14.38 -12.91 -27.48
C LYS A 88 12.84 -12.75 -27.64
N ALA A 89 12.47 -11.94 -28.64
CA ALA A 89 11.07 -11.69 -29.04
C ALA A 89 10.29 -12.99 -29.14
N PRO A 90 9.03 -13.07 -28.67
CA PRO A 90 8.27 -14.33 -28.75
C PRO A 90 8.16 -14.90 -30.17
N GLU A 91 8.23 -14.00 -31.16
CA GLU A 91 8.06 -14.29 -32.54
C GLU A 91 8.95 -13.33 -33.32
N GLY A 92 9.72 -13.85 -34.28
CA GLY A 92 10.60 -13.02 -35.12
C GLY A 92 11.61 -12.27 -34.28
N ARG A 93 11.91 -11.04 -34.69
CA ARG A 93 12.92 -10.18 -34.12
C ARG A 93 12.30 -9.06 -33.24
N ASN A 94 11.08 -8.62 -33.58
CA ASN A 94 10.52 -7.32 -33.09
C ASN A 94 9.34 -7.57 -32.17
N VAL A 95 9.20 -6.70 -31.15
CA VAL A 95 7.95 -6.52 -30.41
C VAL A 95 7.49 -5.07 -30.59
N ALA A 96 6.19 -4.80 -30.34
CA ALA A 96 5.64 -3.43 -30.30
C ALA A 96 5.74 -2.91 -28.87
N TYR A 97 5.81 -1.59 -28.69
CA TYR A 97 5.73 -1.03 -27.35
C TYR A 97 4.76 0.17 -27.34
N VAL A 98 4.10 0.34 -26.19
CA VAL A 98 3.27 1.53 -25.91
C VAL A 98 3.74 2.09 -24.57
N TYR A 99 4.40 3.25 -24.65
CA TYR A 99 4.85 3.95 -23.46
C TYR A 99 3.98 5.21 -23.26
N LEU A 100 3.53 5.46 -22.03
CA LEU A 100 2.74 6.69 -21.66
C LEU A 100 3.47 7.44 -20.54
N ALA A 101 3.83 8.69 -20.83
CA ALA A 101 4.60 9.51 -19.91
C ALA A 101 3.75 10.13 -18.80
N GLN A 102 2.44 10.28 -19.02
CA GLN A 102 1.57 10.94 -18.06
C GLN A 102 1.45 10.12 -16.77
N GLU A 103 0.88 10.75 -15.75
CA GLU A 103 0.74 10.21 -14.39
C GLU A 103 -0.23 9.02 -14.43
N ILE A 104 -0.06 8.07 -13.52
CA ILE A 104 -1.00 6.97 -13.41
C ILE A 104 -2.40 7.56 -13.33
N GLY A 105 -3.36 6.93 -14.02
CA GLY A 105 -4.76 7.34 -14.01
C GLY A 105 -5.12 8.40 -15.03
N SER A 106 -4.21 8.81 -15.93
CA SER A 106 -4.53 9.91 -16.84
C SER A 106 -5.36 9.40 -18.03
N GLY A 107 -5.44 8.09 -18.25
CA GLY A 107 -6.19 7.52 -19.36
C GLY A 107 -5.54 6.26 -19.92
N ILE A 108 -5.93 5.88 -21.15
CA ILE A 108 -5.47 4.65 -21.79
C ILE A 108 -5.10 4.99 -23.23
N ALA A 109 -4.17 4.22 -23.82
CA ALA A 109 -3.79 4.41 -25.18
C ALA A 109 -3.13 3.11 -25.64
N GLY A 110 -3.05 2.93 -26.96
CA GLY A 110 -2.39 1.76 -27.49
C GLY A 110 -2.40 1.76 -29.01
N LEU A 111 -2.64 0.58 -29.57
CA LEU A 111 -2.57 0.31 -30.97
C LEU A 111 -3.89 -0.39 -31.34
N GLU A 112 -4.41 -0.10 -32.55
CA GLU A 112 -5.55 -0.86 -33.01
C GLU A 112 -5.47 -1.09 -34.52
N GLN A 113 -6.26 -2.04 -34.99
CA GLN A 113 -6.28 -2.42 -36.37
C GLN A 113 -7.66 -3.00 -36.68
N THR A 114 -8.24 -2.53 -37.79
CA THR A 114 -9.47 -3.04 -38.36
C THR A 114 -9.09 -4.07 -39.42
N LEU A 115 -9.71 -5.24 -39.34
CA LEU A 115 -9.51 -6.32 -40.26
C LEU A 115 -10.54 -6.30 -41.41
N ASP A 116 -10.21 -7.05 -42.46
CA ASP A 116 -11.13 -7.28 -43.56
C ASP A 116 -12.17 -8.32 -43.14
N ALA A 117 -11.82 -9.25 -42.23
CA ALA A 117 -12.80 -10.23 -41.76
C ALA A 117 -13.99 -9.56 -41.05
N VAL A 118 -15.14 -10.23 -41.05
CA VAL A 118 -16.40 -9.72 -40.45
C VAL A 118 -16.91 -10.82 -39.50
N LEU A 119 -17.77 -10.37 -38.59
CA LEU A 119 -18.28 -11.25 -37.55
C LEU A 119 -19.30 -12.22 -38.14
N LYS A 120 -19.07 -13.51 -37.91
CA LYS A 120 -19.94 -14.55 -38.39
C LYS A 120 -20.65 -15.18 -37.20
N PRO A 121 -21.92 -15.62 -37.36
CA PRO A 121 -22.60 -16.38 -36.31
C PRO A 121 -22.06 -17.82 -36.18
N ASN A 122 -22.28 -18.45 -35.00
CA ASN A 122 -21.93 -19.86 -34.75
C ASN A 122 -20.43 -20.08 -34.95
N THR A 123 -19.67 -19.05 -34.58
CA THR A 123 -18.27 -18.98 -34.75
C THR A 123 -17.60 -18.60 -33.42
N LYS A 124 -16.58 -19.37 -33.03
CA LYS A 124 -15.74 -19.04 -31.88
C LYS A 124 -14.49 -18.31 -32.39
N TYR A 125 -14.29 -17.09 -31.89
CA TYR A 125 -13.09 -16.31 -32.20
C TYR A 125 -12.09 -16.39 -31.06
N THR A 126 -10.83 -16.65 -31.40
CA THR A 126 -9.76 -16.75 -30.43
C THR A 126 -8.63 -15.80 -30.82
N LEU A 127 -8.44 -14.76 -30.01
CA LEU A 127 -7.47 -13.71 -30.21
C LEU A 127 -6.35 -13.95 -29.20
N THR A 128 -5.13 -14.18 -29.70
CA THR A 128 -3.98 -14.50 -28.86
C THR A 128 -2.90 -13.45 -29.06
N VAL A 129 -2.31 -13.04 -27.94
CA VAL A 129 -1.33 -12.01 -28.00
C VAL A 129 -0.33 -12.24 -26.87
N ASP A 130 0.94 -11.97 -27.16
CA ASP A 130 1.96 -12.01 -26.17
C ASP A 130 2.17 -10.60 -25.58
N ILE A 131 2.19 -10.55 -24.25
CA ILE A 131 2.39 -9.30 -23.55
C ILE A 131 3.73 -9.33 -22.81
N GLY A 132 4.53 -8.27 -23.01
CA GLY A 132 5.83 -8.15 -22.40
C GLY A 132 5.91 -7.05 -21.37
N ASN A 133 6.59 -7.39 -20.25
CA ASN A 133 6.93 -6.49 -19.20
C ASN A 133 8.43 -6.24 -19.20
N SER A 134 8.84 -5.16 -19.86
CA SER A 134 10.27 -4.84 -19.96
C SER A 134 10.89 -4.62 -18.56
N GLY A 135 12.13 -5.11 -18.38
CA GLY A 135 12.88 -4.97 -17.15
C GLY A 135 14.35 -4.59 -17.36
N GLY A 136 15.00 -4.25 -16.25
CA GLY A 136 16.35 -3.71 -16.22
C GLY A 136 16.34 -2.20 -16.12
N SER A 137 17.11 -1.56 -17.00
CA SER A 137 17.43 -0.16 -16.83
C SER A 137 17.37 0.57 -18.17
N PHE A 138 16.84 1.81 -18.14
CA PHE A 138 16.62 2.65 -19.31
C PHE A 138 16.77 4.15 -19.01
N GLN A 139 17.71 4.78 -19.73
CA GLN A 139 17.94 6.24 -19.75
C GLN A 139 18.03 6.79 -18.33
N GLY A 140 18.87 6.11 -17.52
CA GLY A 140 19.24 6.52 -16.15
C GLY A 140 18.33 5.96 -15.06
N PHE A 141 17.27 5.22 -15.41
CA PHE A 141 16.18 4.89 -14.50
C PHE A 141 15.69 3.46 -14.72
N PRO A 142 15.25 2.78 -13.64
CA PRO A 142 14.75 1.41 -13.77
C PRO A 142 13.47 1.25 -14.61
N LEU A 143 13.31 0.05 -15.16
CA LEU A 143 12.13 -0.36 -15.91
C LEU A 143 11.22 -1.19 -15.01
N ASP A 144 11.53 -1.23 -13.72
CA ASP A 144 10.74 -1.88 -12.73
C ASP A 144 9.32 -1.29 -12.78
N GLY A 145 8.32 -2.15 -12.58
CA GLY A 145 6.92 -1.78 -12.62
C GLY A 145 6.35 -2.00 -14.02
N PHE A 146 5.03 -1.80 -14.15
CA PHE A 146 4.28 -2.33 -15.28
C PHE A 146 2.93 -1.64 -15.26
N PRO A 147 2.46 -1.13 -16.42
CA PRO A 147 1.20 -0.36 -16.42
C PRO A 147 -0.05 -1.24 -16.52
N GLY A 148 0.16 -2.55 -16.73
CA GLY A 148 -0.87 -3.50 -17.06
C GLY A 148 -1.12 -3.52 -18.56
N TYR A 149 -2.15 -4.24 -18.97
CA TYR A 149 -2.54 -4.37 -20.35
C TYR A 149 -4.05 -4.61 -20.45
N ARG A 150 -4.60 -4.31 -21.63
CA ARG A 150 -5.92 -4.75 -21.97
C ARG A 150 -5.88 -5.13 -23.44
N VAL A 151 -6.49 -6.28 -23.74
CA VAL A 151 -6.61 -6.72 -25.10
C VAL A 151 -8.10 -6.85 -25.42
N GLU A 152 -8.50 -6.27 -26.55
CA GLU A 152 -9.88 -6.23 -26.94
C GLU A 152 -10.08 -6.79 -28.35
N LEU A 153 -11.12 -7.60 -28.50
CA LEU A 153 -11.69 -7.98 -29.79
C LEU A 153 -12.92 -7.09 -30.07
N LEU A 154 -12.94 -6.44 -31.23
CA LEU A 154 -14.01 -5.56 -31.67
C LEU A 154 -14.74 -6.15 -32.88
N ALA A 155 -16.00 -5.71 -33.01
CA ALA A 155 -16.76 -5.75 -34.22
C ALA A 155 -17.33 -4.34 -34.38
N GLY A 156 -17.10 -3.69 -35.53
CA GLY A 156 -17.48 -2.28 -35.64
C GLY A 156 -16.73 -1.50 -34.58
N ASP A 157 -17.42 -0.59 -33.87
CA ASP A 157 -16.79 0.11 -32.79
C ASP A 157 -17.21 -0.48 -31.43
N THR A 158 -17.75 -1.70 -31.40
CA THR A 158 -18.16 -2.40 -30.18
C THR A 158 -17.02 -3.30 -29.67
N VAL A 159 -16.67 -3.18 -28.39
CA VAL A 159 -15.77 -4.18 -27.79
C VAL A 159 -16.59 -5.44 -27.48
N LEU A 160 -16.35 -6.52 -28.23
CA LEU A 160 -17.08 -7.77 -28.01
C LEU A 160 -16.57 -8.46 -26.75
N ALA A 161 -15.24 -8.63 -26.66
CA ALA A 161 -14.65 -9.32 -25.55
C ALA A 161 -13.34 -8.66 -25.19
N ALA A 162 -12.96 -8.78 -23.92
CA ALA A 162 -11.70 -8.16 -23.48
C ALA A 162 -11.15 -8.88 -22.25
N ASP A 163 -9.82 -8.89 -22.15
CA ASP A 163 -9.08 -9.27 -20.97
C ASP A 163 -8.28 -8.07 -20.49
N GLN A 164 -8.44 -7.73 -19.21
CA GLN A 164 -7.62 -6.72 -18.62
C GLN A 164 -6.92 -7.35 -17.41
N ASN A 165 -5.58 -7.48 -17.54
CA ASN A 165 -4.68 -7.90 -16.48
C ASN A 165 -4.99 -9.26 -15.83
N ASN A 166 -5.62 -10.22 -16.53
CA ASN A 166 -5.84 -11.52 -15.94
C ASN A 166 -4.53 -12.31 -15.81
N LEU A 167 -3.56 -12.03 -16.67
CA LEU A 167 -2.22 -12.59 -16.64
C LEU A 167 -1.28 -11.69 -15.84
N TYR A 168 -0.45 -12.32 -15.01
CA TYR A 168 0.66 -11.69 -14.36
C TYR A 168 1.94 -11.89 -15.21
N ILE A 169 2.64 -10.79 -15.52
CA ILE A 169 3.85 -10.86 -16.34
C ILE A 169 5.04 -10.33 -15.53
N LYS A 170 6.05 -11.21 -15.34
CA LYS A 170 7.23 -10.87 -14.58
C LYS A 170 8.09 -9.89 -15.37
N GLU A 171 8.91 -9.10 -14.65
CA GLU A 171 9.94 -8.26 -15.25
C GLU A 171 10.86 -9.14 -16.11
N LYS A 172 11.12 -8.66 -17.33
CA LYS A 172 11.97 -9.27 -18.34
C LYS A 172 11.28 -10.46 -19.03
N ASP A 173 9.96 -10.58 -18.90
CA ASP A 173 9.26 -11.75 -19.43
C ASP A 173 8.14 -11.37 -20.42
N PHE A 174 7.76 -12.36 -21.23
CA PHE A 174 6.54 -12.35 -22.06
C PHE A 174 5.58 -13.45 -21.64
N LYS A 175 4.26 -13.18 -21.64
CA LYS A 175 3.23 -14.17 -21.39
C LYS A 175 2.17 -14.00 -22.48
N THR A 176 1.48 -15.10 -22.79
CA THR A 176 0.45 -15.19 -23.84
C THR A 176 -0.91 -15.06 -23.18
N THR A 177 -1.72 -14.11 -23.66
CA THR A 177 -3.08 -14.04 -23.22
C THR A 177 -3.99 -14.48 -24.37
N THR A 178 -5.14 -15.00 -24.00
CA THR A 178 -6.18 -15.45 -24.96
C THR A 178 -7.50 -14.74 -24.70
N VAL A 179 -8.09 -14.10 -25.72
CA VAL A 179 -9.45 -13.53 -25.63
C VAL A 179 -10.38 -14.29 -26.56
N THR A 180 -11.48 -14.82 -26.02
CA THR A 180 -12.38 -15.66 -26.75
C THR A 180 -13.77 -15.01 -26.85
N PHE A 181 -14.46 -15.25 -27.97
CA PHE A 181 -15.81 -14.74 -28.12
C PHE A 181 -16.58 -15.63 -29.11
N ILE A 182 -17.79 -16.00 -28.73
CA ILE A 182 -18.73 -16.65 -29.61
C ILE A 182 -19.87 -15.68 -29.99
N ALA A 183 -20.08 -15.53 -31.29
CA ALA A 183 -21.16 -14.78 -31.87
C ALA A 183 -22.36 -15.71 -32.06
N THR A 184 -23.53 -15.34 -31.53
CA THR A 184 -24.72 -16.14 -31.74
C THR A 184 -25.44 -15.75 -33.05
N PRO A 185 -26.34 -16.60 -33.57
CA PRO A 185 -27.19 -16.22 -34.69
C PRO A 185 -27.99 -14.92 -34.45
N GLU A 186 -28.31 -14.60 -33.19
CA GLU A 186 -29.09 -13.40 -32.83
C GLU A 186 -28.18 -12.16 -32.61
N SER A 187 -26.86 -12.33 -32.72
CA SER A 187 -25.91 -11.20 -32.46
C SER A 187 -26.33 -9.98 -33.28
N PRO A 188 -26.36 -8.77 -32.69
CA PRO A 188 -26.62 -7.57 -33.50
C PRO A 188 -25.44 -7.07 -34.35
N TYR A 189 -24.25 -7.69 -34.29
CA TYR A 189 -23.03 -7.18 -34.92
C TYR A 189 -22.56 -8.05 -36.10
N LEU A 190 -23.37 -9.04 -36.51
CA LEU A 190 -23.03 -9.93 -37.62
C LEU A 190 -22.68 -9.06 -38.83
N GLY A 191 -21.59 -9.44 -39.50
CA GLY A 191 -21.19 -8.77 -40.76
C GLY A 191 -20.36 -7.50 -40.55
N GLN A 192 -20.23 -7.01 -39.30
CA GLN A 192 -19.33 -5.86 -38.98
C GLN A 192 -17.86 -6.33 -39.00
N HIS A 193 -16.96 -5.44 -39.42
CA HIS A 193 -15.55 -5.72 -39.48
C HIS A 193 -15.02 -5.97 -38.06
N LEU A 194 -14.20 -7.00 -37.95
CA LEU A 194 -13.48 -7.30 -36.75
C LEU A 194 -12.36 -6.27 -36.56
N GLY A 195 -11.96 -6.10 -35.30
CA GLY A 195 -10.82 -5.27 -34.99
C GLY A 195 -10.10 -5.80 -33.76
N ILE A 196 -8.92 -5.23 -33.54
CA ILE A 196 -8.13 -5.61 -32.39
C ILE A 196 -7.55 -4.36 -31.76
N ARG A 197 -7.58 -4.29 -30.42
CA ARG A 197 -6.93 -3.18 -29.70
C ARG A 197 -5.98 -3.76 -28.67
N LEU A 198 -4.77 -3.24 -28.62
CA LEU A 198 -3.76 -3.56 -27.67
C LEU A 198 -3.55 -2.30 -26.83
N ILE A 199 -3.91 -2.36 -25.55
CA ILE A 199 -4.00 -1.15 -24.73
C ILE A 199 -3.05 -1.18 -23.53
N ASN A 200 -2.41 -0.03 -23.30
CA ASN A 200 -1.75 0.41 -22.08
C ASN A 200 -2.73 1.21 -21.23
N PRO A 201 -3.22 0.64 -20.10
CA PRO A 201 -4.21 1.32 -19.25
C PRO A 201 -3.57 2.23 -18.20
N LEU A 202 -2.24 2.34 -18.21
CA LEU A 202 -1.49 3.33 -17.37
C LEU A 202 -1.83 3.16 -15.87
N GLN A 203 -1.67 1.92 -15.38
CA GLN A 203 -2.04 1.54 -14.01
C GLN A 203 -0.80 1.08 -13.24
N GLY A 204 0.33 1.74 -13.50
CA GLY A 204 1.58 1.55 -12.87
C GLY A 204 2.72 2.15 -13.67
N LYS A 205 3.83 2.45 -13.00
CA LYS A 205 5.08 2.89 -13.65
C LYS A 205 6.17 1.89 -13.23
N PHE A 206 7.13 1.59 -14.11
CA PHE A 206 7.38 2.17 -15.42
C PHE A 206 6.25 1.83 -16.41
N SER A 207 5.66 2.86 -17.06
CA SER A 207 4.43 2.63 -17.75
C SER A 207 4.60 2.34 -19.24
N GLY A 208 5.44 1.34 -19.57
CA GLY A 208 5.48 0.79 -20.90
C GLY A 208 5.05 -0.67 -20.87
N VAL A 209 4.34 -1.10 -21.92
CA VAL A 209 3.91 -2.47 -22.11
C VAL A 209 4.12 -2.82 -23.58
N ASP A 210 4.63 -4.04 -23.82
CA ASP A 210 5.03 -4.50 -25.15
C ASP A 210 4.10 -5.62 -25.57
N PHE A 211 3.95 -5.77 -26.89
CA PHE A 211 3.07 -6.74 -27.52
C PHE A 211 3.82 -7.48 -28.65
N ASP A 212 3.45 -8.74 -28.90
CA ASP A 212 3.96 -9.46 -30.07
C ASP A 212 3.01 -10.58 -30.47
N ASN A 213 3.18 -11.02 -31.72
CA ASN A 213 2.64 -12.26 -32.21
C ASN A 213 1.12 -12.34 -32.04
N VAL A 214 0.45 -11.34 -32.63
CA VAL A 214 -1.00 -11.24 -32.62
C VAL A 214 -1.55 -12.26 -33.61
N ARG A 215 -2.43 -13.13 -33.13
CA ARG A 215 -3.10 -14.13 -33.93
C ARG A 215 -4.61 -14.07 -33.67
N LEU A 216 -5.40 -14.33 -34.71
CA LEU A 216 -6.85 -14.43 -34.58
C LEU A 216 -7.35 -15.61 -35.40
N THR A 217 -8.02 -16.57 -34.76
CA THR A 217 -8.62 -17.69 -35.48
C THR A 217 -10.14 -17.66 -35.32
N ALA A 218 -10.83 -18.20 -36.33
CA ALA A 218 -12.25 -18.51 -36.29
C ALA A 218 -12.42 -20.02 -36.42
N GLU A 219 -13.37 -20.59 -35.69
CA GLU A 219 -13.79 -21.97 -35.85
C GLU A 219 -15.27 -22.13 -35.52
N PRO A 220 -15.92 -23.22 -35.99
CA PRO A 220 -17.35 -23.42 -35.71
C PRO A 220 -17.58 -23.64 -34.21
N ALA A 221 -18.65 -23.07 -33.70
CA ALA A 221 -19.13 -23.38 -32.38
C ALA A 221 -20.63 -23.65 -32.49
N GLU A 222 -21.11 -24.61 -31.70
CA GLU A 222 -22.55 -24.74 -31.48
C GLU A 222 -22.91 -23.81 -30.31
N THR A 223 -24.02 -23.08 -30.48
CA THR A 223 -24.47 -22.05 -29.53
C THR A 223 -25.71 -22.53 -28.77
N ALA B 24 20.13 5.09 -3.40
CA ALA B 24 19.08 5.72 -2.53
C ALA B 24 18.57 7.01 -3.19
N VAL B 25 17.24 7.13 -3.30
CA VAL B 25 16.58 8.23 -3.97
C VAL B 25 15.95 9.18 -2.94
N SER B 26 16.04 10.49 -3.22
CA SER B 26 15.61 11.59 -2.38
C SER B 26 14.15 11.90 -2.64
N ILE B 27 13.38 12.05 -1.57
CA ILE B 27 11.96 12.27 -1.64
C ILE B 27 11.74 13.75 -1.39
N PRO B 28 11.00 14.46 -2.28
CA PRO B 28 10.78 15.89 -2.12
C PRO B 28 10.12 16.34 -0.81
N ILE B 29 10.72 17.35 -0.19
CA ILE B 29 10.22 18.06 0.99
C ILE B 29 10.19 19.55 0.65
N LYS B 30 9.08 20.21 0.95
CA LYS B 30 8.92 21.61 0.76
C LYS B 30 9.73 22.35 1.81
N ASN B 31 10.47 23.37 1.37
CA ASN B 31 11.22 24.22 2.24
C ASN B 31 12.03 23.38 3.23
N ALA B 32 12.76 22.39 2.70
CA ALA B 32 13.39 21.34 3.50
C ALA B 32 14.47 21.89 4.44
N GLY B 33 15.15 22.98 4.05
CA GLY B 33 16.22 23.58 4.86
C GLY B 33 15.83 24.95 5.39
N PHE B 34 14.54 25.23 5.39
CA PHE B 34 13.94 26.46 5.95
C PHE B 34 14.54 27.72 5.31
N GLU B 35 14.90 27.64 4.03
CA GLU B 35 15.56 28.74 3.32
C GLU B 35 14.56 29.79 2.84
N GLU B 36 13.27 29.51 3.04
CA GLU B 36 12.16 30.41 2.76
C GLU B 36 11.48 30.75 4.07
N PRO B 37 11.31 32.05 4.35
CA PRO B 37 11.70 33.15 3.50
C PRO B 37 13.18 33.57 3.63
N SER B 38 13.64 34.40 2.69
CA SER B 38 14.98 35.04 2.76
C SER B 38 15.04 35.97 3.98
N LEU B 39 16.20 35.97 4.64
CA LEU B 39 16.45 36.81 5.79
C LEU B 39 17.86 37.43 5.67
N THR B 40 18.09 38.42 6.54
CA THR B 40 19.35 39.19 6.61
C THR B 40 19.75 39.33 8.08
N VAL B 41 20.94 39.89 8.33
CA VAL B 41 21.40 40.17 9.68
C VAL B 41 20.38 41.10 10.39
N GLU B 42 19.84 42.10 9.67
CA GLU B 42 18.91 43.08 10.25
C GLU B 42 17.54 42.44 10.54
N ASP B 43 17.05 41.67 9.56
CA ASP B 43 15.76 40.98 9.63
C ASP B 43 16.07 39.48 9.79
N TYR B 44 16.37 39.03 11.02
CA TYR B 44 17.06 37.75 11.24
C TYR B 44 16.16 36.65 11.83
N TYR B 45 14.88 36.91 12.11
CA TYR B 45 13.98 35.84 12.54
C TYR B 45 12.52 36.15 12.20
N THR B 46 11.72 35.09 12.06
CA THR B 46 10.28 35.18 11.95
C THR B 46 9.63 34.57 13.19
N ILE B 47 8.33 34.86 13.36
CA ILE B 47 7.49 34.21 14.34
C ILE B 47 6.27 33.57 13.64
N ASP B 48 6.38 33.28 12.35
CA ASP B 48 5.31 32.55 11.68
C ASP B 48 5.82 31.14 11.31
N THR B 49 4.90 30.17 11.38
CA THR B 49 5.11 28.85 10.87
C THR B 49 5.95 28.92 9.59
N PRO B 50 7.09 28.19 9.48
CA PRO B 50 7.82 28.14 8.22
C PRO B 50 6.95 27.72 7.04
N PRO B 51 7.06 28.42 5.89
CA PRO B 51 6.34 28.04 4.68
C PRO B 51 6.60 26.58 4.33
N GLY B 52 5.55 25.89 3.87
CA GLY B 52 5.61 24.47 3.53
C GLY B 52 5.37 23.56 4.73
N TRP B 53 5.49 24.07 5.94
CA TRP B 53 5.27 23.27 7.13
C TRP B 53 3.98 23.72 7.81
N ILE B 54 3.52 22.92 8.78
CA ILE B 54 2.37 23.16 9.62
C ILE B 54 2.80 23.06 11.09
N THR B 55 2.20 23.88 11.96
CA THR B 55 2.36 23.75 13.39
C THR B 55 1.75 22.43 13.89
N TYR B 56 2.54 21.64 14.63
CA TYR B 56 2.05 20.45 15.28
C TYR B 56 1.86 20.78 16.75
N ASP B 57 0.65 20.54 17.27
CA ASP B 57 0.32 21.06 18.57
C ASP B 57 -0.78 20.23 19.22
N PRO B 58 -0.52 18.95 19.53
CA PRO B 58 -1.57 18.06 20.02
C PRO B 58 -2.13 18.43 21.40
N ASN B 59 -1.39 19.24 22.15
CA ASN B 59 -1.74 19.47 23.54
C ASN B 59 -2.21 20.91 23.76
N GLY B 60 -2.23 21.72 22.68
CA GLY B 60 -2.70 23.11 22.70
C GLY B 60 -1.81 24.07 23.46
N LEU B 61 -0.51 24.11 23.11
CA LEU B 61 0.47 24.95 23.78
C LEU B 61 0.82 26.16 22.91
N VAL B 62 0.49 26.09 21.61
CA VAL B 62 0.84 27.17 20.70
C VAL B 62 -0.45 27.94 20.42
N PRO B 63 -0.56 29.20 20.90
CA PRO B 63 -1.79 29.97 20.69
C PRO B 63 -1.89 30.56 19.27
N ALA B 64 -3.14 30.76 18.80
CA ALA B 64 -3.41 31.41 17.53
C ALA B 64 -2.75 32.79 17.49
N LYS B 65 -2.74 33.49 18.64
CA LYS B 65 -2.17 34.85 18.82
C LYS B 65 -0.78 34.78 19.49
N ARG B 66 0.27 34.87 18.66
CA ARG B 66 1.66 34.68 19.11
C ARG B 66 2.31 36.05 19.44
N THR B 67 2.77 36.21 20.70
CA THR B 67 3.48 37.42 21.14
C THR B 67 4.96 37.06 21.31
N ARG B 68 5.74 38.02 21.83
CA ARG B 68 7.16 37.84 22.08
C ARG B 68 7.33 36.63 23.02
N ILE B 69 6.54 36.62 24.10
CA ILE B 69 6.69 35.70 25.22
C ILE B 69 5.77 34.47 25.10
N THR B 70 5.06 34.29 23.97
CA THR B 70 4.27 33.07 23.85
C THR B 70 5.13 31.95 23.22
N SER B 71 4.62 30.73 23.32
CA SER B 71 5.11 29.66 22.47
C SER B 71 5.07 30.17 21.03
N ASN B 72 6.02 29.74 20.21
CA ASN B 72 6.39 30.39 18.95
C ASN B 72 7.13 29.33 18.11
N ASN B 73 7.07 29.46 16.79
CA ASN B 73 8.01 28.80 15.93
C ASN B 73 8.23 29.74 14.74
N GLY B 74 9.29 29.49 13.99
CA GLY B 74 9.66 30.30 12.86
C GLY B 74 11.00 29.91 12.28
N VAL B 75 11.57 30.83 11.46
CA VAL B 75 12.91 30.59 10.91
C VAL B 75 13.87 31.68 11.39
N GLY B 76 15.15 31.37 11.34
CA GLY B 76 16.16 32.26 11.88
C GLY B 76 17.41 32.25 11.04
N TYR B 77 17.94 33.45 10.76
CA TYR B 77 19.19 33.57 10.03
C TYR B 77 20.36 33.24 10.97
N THR B 78 21.17 32.25 10.60
CA THR B 78 22.28 31.73 11.35
C THR B 78 23.54 31.81 10.48
N GLY B 79 24.24 32.94 10.57
CA GLY B 79 25.50 33.22 9.87
C GLY B 79 26.72 32.70 10.62
N PRO B 80 27.95 33.02 10.15
CA PRO B 80 29.17 32.44 10.71
C PRO B 80 29.63 33.12 12.02
N ASN B 81 28.89 34.14 12.49
CA ASN B 81 29.23 34.82 13.72
C ASN B 81 27.93 35.07 14.52
N SER B 82 27.16 33.99 14.64
CA SER B 82 25.87 34.01 15.26
C SER B 82 26.04 34.08 16.79
N ALA B 83 25.10 34.76 17.44
CA ALA B 83 24.98 34.80 18.88
C ALA B 83 24.71 33.40 19.48
N TYR B 84 24.06 32.54 18.68
CA TYR B 84 23.45 31.30 19.24
C TYR B 84 24.23 30.03 18.93
N TYR B 85 25.15 30.07 17.97
CA TYR B 85 25.78 28.84 17.41
C TYR B 85 27.26 29.10 17.17
N ASN B 86 28.03 28.03 17.33
CA ASN B 86 29.43 28.02 17.08
C ASN B 86 29.70 28.17 15.58
N HIS B 87 28.83 27.65 14.72
CA HIS B 87 28.99 27.76 13.29
C HIS B 87 27.72 28.31 12.62
N LYS B 88 27.83 28.57 11.31
CA LYS B 88 26.73 28.95 10.47
C LYS B 88 25.71 27.80 10.35
N ALA B 89 24.51 28.11 9.85
CA ALA B 89 23.48 27.07 9.59
C ALA B 89 24.10 25.83 8.95
N PRO B 90 23.79 24.58 9.40
CA PRO B 90 24.24 23.39 8.66
C PRO B 90 24.01 23.47 7.15
N GLU B 91 22.96 24.16 6.73
CA GLU B 91 22.58 24.20 5.33
C GLU B 91 22.07 25.60 5.04
N GLY B 92 22.61 26.23 3.98
CA GLY B 92 22.15 27.56 3.59
C GLY B 92 22.40 28.63 4.65
N ARG B 93 21.41 29.53 4.77
CA ARG B 93 21.41 30.67 5.64
C ARG B 93 20.59 30.45 6.92
N ASN B 94 19.55 29.59 6.89
CA ASN B 94 18.52 29.62 7.91
C ASN B 94 18.35 28.28 8.61
N VAL B 95 17.81 28.34 9.83
CA VAL B 95 17.31 27.20 10.59
C VAL B 95 15.86 27.47 11.01
N ALA B 96 15.11 26.40 11.37
CA ALA B 96 13.82 26.56 12.06
C ALA B 96 14.05 26.49 13.57
N TYR B 97 13.20 27.17 14.33
CA TYR B 97 13.18 26.99 15.78
C TYR B 97 11.76 26.64 16.25
N VAL B 98 11.70 25.99 17.42
CA VAL B 98 10.44 25.72 18.09
C VAL B 98 10.62 26.06 19.58
N TYR B 99 9.90 27.09 20.04
CA TYR B 99 9.95 27.55 21.41
C TYR B 99 8.62 27.33 22.14
N LEU B 100 8.68 26.74 23.32
CA LEU B 100 7.48 26.60 24.15
C LEU B 100 7.66 27.33 25.48
N ALA B 101 6.66 28.14 25.85
CA ALA B 101 6.71 29.05 27.02
C ALA B 101 6.26 28.33 28.28
N GLN B 102 5.46 27.28 28.12
CA GLN B 102 4.84 26.56 29.23
C GLN B 102 5.89 25.81 30.05
N GLU B 103 5.49 25.50 31.29
CA GLU B 103 6.28 24.77 32.25
C GLU B 103 6.65 23.41 31.65
N ILE B 104 7.86 22.94 31.97
CA ILE B 104 8.34 21.59 31.64
C ILE B 104 7.25 20.58 31.99
N GLY B 105 6.95 19.68 31.05
CA GLY B 105 5.97 18.62 31.32
C GLY B 105 4.58 18.95 30.80
N SER B 106 4.38 20.14 30.25
CA SER B 106 3.07 20.62 29.77
C SER B 106 2.60 19.91 28.49
N GLY B 107 3.49 19.19 27.81
CA GLY B 107 3.20 18.55 26.51
C GLY B 107 4.27 18.81 25.46
N ILE B 108 3.93 18.57 24.19
CA ILE B 108 4.89 18.58 23.08
C ILE B 108 4.31 19.41 21.94
N ALA B 109 5.17 20.06 21.15
CA ALA B 109 4.74 20.70 19.94
C ALA B 109 5.90 20.84 18.95
N GLY B 110 5.58 21.18 17.70
CA GLY B 110 6.65 21.37 16.70
C GLY B 110 6.10 21.66 15.33
N LEU B 111 6.78 21.11 14.33
CA LEU B 111 6.54 21.33 12.94
C LEU B 111 6.27 20.00 12.25
N GLU B 112 5.31 19.99 11.33
CA GLU B 112 5.09 18.77 10.54
C GLU B 112 4.78 19.10 9.09
N GLN B 113 4.99 18.10 8.23
CA GLN B 113 4.71 18.24 6.84
C GLN B 113 4.32 16.87 6.30
N THR B 114 3.17 16.83 5.62
CA THR B 114 2.69 15.70 4.82
C THR B 114 3.28 15.82 3.41
N LEU B 115 3.95 14.74 2.95
CA LEU B 115 4.62 14.73 1.67
C LEU B 115 3.69 14.11 0.63
N ASP B 116 4.08 14.30 -0.64
CA ASP B 116 3.38 13.79 -1.80
C ASP B 116 3.64 12.29 -1.90
N ALA B 117 4.81 11.86 -1.46
CA ALA B 117 5.19 10.45 -1.58
C ALA B 117 4.37 9.60 -0.59
N VAL B 118 4.20 8.32 -0.93
CA VAL B 118 3.39 7.38 -0.17
C VAL B 118 4.29 6.20 0.22
N LEU B 119 3.89 5.51 1.29
CA LEU B 119 4.69 4.42 1.80
C LEU B 119 4.63 3.25 0.83
N LYS B 120 5.79 2.62 0.60
CA LYS B 120 5.97 1.60 -0.38
C LYS B 120 6.67 0.41 0.28
N PRO B 121 6.25 -0.83 -0.04
CA PRO B 121 6.82 -2.02 0.61
C PRO B 121 8.19 -2.31 0.02
N ASN B 122 8.98 -3.10 0.77
CA ASN B 122 10.35 -3.50 0.44
C ASN B 122 11.21 -2.24 0.23
N THR B 123 10.99 -1.23 1.08
CA THR B 123 11.68 0.03 0.96
C THR B 123 12.23 0.43 2.34
N LYS B 124 13.45 0.95 2.35
CA LYS B 124 14.12 1.49 3.53
C LYS B 124 14.11 3.01 3.41
N TYR B 125 13.46 3.65 4.38
CA TYR B 125 13.38 5.09 4.45
C TYR B 125 14.41 5.59 5.44
N THR B 126 15.19 6.61 5.02
CA THR B 126 16.17 7.26 5.88
C THR B 126 15.77 8.73 6.00
N LEU B 127 15.40 9.12 7.22
CA LEU B 127 15.06 10.52 7.51
C LEU B 127 16.23 11.10 8.31
N THR B 128 16.90 12.12 7.77
CA THR B 128 18.03 12.77 8.44
C THR B 128 17.70 14.26 8.65
N VAL B 129 17.91 14.76 9.87
CA VAL B 129 17.65 16.15 10.26
C VAL B 129 18.78 16.58 11.19
N ASP B 130 19.20 17.84 11.08
CA ASP B 130 20.13 18.46 12.04
C ASP B 130 19.35 19.07 13.19
N ILE B 131 19.75 18.68 14.41
CA ILE B 131 19.15 19.24 15.63
C ILE B 131 20.08 20.29 16.25
N GLY B 132 19.53 21.45 16.58
CA GLY B 132 20.29 22.56 17.15
C GLY B 132 19.86 22.93 18.56
N ASN B 133 20.86 23.00 19.43
CA ASN B 133 20.75 23.49 20.77
C ASN B 133 21.29 24.92 20.76
N SER B 134 20.36 25.89 20.62
CA SER B 134 20.70 27.25 20.60
C SER B 134 21.31 27.65 21.94
N GLY B 135 22.38 28.46 21.85
CA GLY B 135 23.09 28.96 23.00
C GLY B 135 23.15 30.48 23.04
N GLY B 136 24.11 31.01 23.81
CA GLY B 136 24.23 32.45 23.94
C GLY B 136 23.01 33.06 24.62
N SER B 137 22.55 34.19 24.07
CA SER B 137 21.41 35.00 24.55
C SER B 137 20.68 35.61 23.35
N PHE B 138 19.35 35.76 23.47
CA PHE B 138 18.40 36.26 22.45
C PHE B 138 17.58 37.36 23.09
N GLN B 139 17.51 38.53 22.44
CA GLN B 139 17.05 39.72 23.11
C GLN B 139 17.85 39.80 24.42
N GLY B 140 17.19 39.68 25.58
CA GLY B 140 17.90 39.72 26.87
C GLY B 140 18.14 38.36 27.52
N PHE B 141 17.47 37.29 27.06
CA PHE B 141 17.29 36.06 27.86
C PHE B 141 18.38 35.04 27.48
N PRO B 142 18.97 34.30 28.45
CA PRO B 142 19.95 33.27 28.13
C PRO B 142 19.28 32.01 27.58
N LEU B 143 19.92 31.34 26.59
CA LEU B 143 19.33 30.18 25.94
C LEU B 143 20.03 28.93 26.47
N ASP B 144 20.77 29.05 27.58
CA ASP B 144 21.32 27.91 28.27
C ASP B 144 20.18 26.97 28.64
N GLY B 145 20.44 25.67 28.44
CA GLY B 145 19.48 24.61 28.69
C GLY B 145 18.83 24.21 27.38
N PHE B 146 18.09 23.09 27.38
CA PHE B 146 17.59 22.47 26.16
C PHE B 146 16.34 21.65 26.46
N PRO B 147 15.28 21.68 25.63
CA PRO B 147 14.07 20.90 25.93
C PRO B 147 14.02 19.47 25.37
N GLY B 148 15.12 19.02 24.78
CA GLY B 148 15.13 17.77 24.12
C GLY B 148 14.58 17.94 22.71
N TYR B 149 14.53 16.82 21.99
CA TYR B 149 13.94 16.74 20.68
C TYR B 149 13.27 15.38 20.47
N ARG B 150 12.41 15.37 19.45
CA ARG B 150 11.89 14.14 18.89
C ARG B 150 11.73 14.35 17.36
N VAL B 151 12.22 13.38 16.60
CA VAL B 151 11.98 13.34 15.15
C VAL B 151 11.15 12.10 14.84
N GLU B 152 10.10 12.27 14.02
CA GLU B 152 9.16 11.24 13.64
C GLU B 152 9.03 11.17 12.11
N LEU B 153 8.98 9.92 11.59
CA LEU B 153 8.54 9.59 10.24
C LEU B 153 7.13 9.01 10.30
N LEU B 154 6.20 9.62 9.55
CA LEU B 154 4.79 9.26 9.54
C LEU B 154 4.38 8.55 8.25
N ALA B 155 3.36 7.71 8.36
CA ALA B 155 2.50 7.38 7.23
C ALA B 155 1.09 7.74 7.66
N GLY B 156 0.41 8.56 6.87
CA GLY B 156 -0.88 9.11 7.32
C GLY B 156 -0.74 9.72 8.70
N ASP B 157 -1.49 9.17 9.67
CA ASP B 157 -1.57 9.72 11.05
C ASP B 157 -0.70 8.88 12.01
N THR B 158 0.04 7.92 11.48
CA THR B 158 0.71 6.96 12.28
C THR B 158 2.19 7.34 12.35
N VAL B 159 2.77 7.26 13.55
CA VAL B 159 4.18 7.39 13.75
C VAL B 159 4.81 6.02 13.43
N LEU B 160 5.54 5.97 12.31
CA LEU B 160 6.17 4.73 11.90
C LEU B 160 7.43 4.49 12.72
N ALA B 161 8.27 5.51 12.80
CA ALA B 161 9.53 5.39 13.51
C ALA B 161 9.84 6.74 14.15
N ALA B 162 10.58 6.70 15.26
CA ALA B 162 10.90 7.89 15.99
C ALA B 162 12.23 7.75 16.76
N ASP B 163 12.89 8.90 16.92
CA ASP B 163 14.00 9.09 17.77
C ASP B 163 13.64 10.18 18.75
N GLN B 164 13.66 9.90 20.07
CA GLN B 164 13.57 10.99 21.07
C GLN B 164 14.86 11.01 21.90
N ASN B 165 15.66 12.07 21.72
CA ASN B 165 16.80 12.49 22.53
C ASN B 165 17.92 11.45 22.58
N ASN B 166 18.00 10.58 21.58
CA ASN B 166 19.17 9.61 21.54
C ASN B 166 20.49 10.35 21.37
N LEU B 167 20.47 11.47 20.67
CA LEU B 167 21.64 12.33 20.48
C LEU B 167 21.74 13.37 21.59
N TYR B 168 22.97 13.55 22.06
CA TYR B 168 23.32 14.65 22.97
C TYR B 168 23.78 15.83 22.09
N ILE B 169 23.13 16.99 22.25
CA ILE B 169 23.56 18.19 21.53
C ILE B 169 24.01 19.26 22.55
N LYS B 170 25.30 19.61 22.46
CA LYS B 170 25.91 20.66 23.24
C LYS B 170 25.31 22.02 22.88
N GLU B 171 25.42 22.93 23.86
CA GLU B 171 25.04 24.31 23.63
C GLU B 171 25.89 24.82 22.44
N LYS B 172 25.24 25.55 21.54
CA LYS B 172 25.78 26.19 20.38
C LYS B 172 26.15 25.20 19.27
N ASP B 173 25.69 23.96 19.35
CA ASP B 173 25.97 22.94 18.35
C ASP B 173 24.68 22.53 17.61
N PHE B 174 24.89 22.09 16.36
CA PHE B 174 23.98 21.19 15.63
C PHE B 174 24.59 19.78 15.50
N LYS B 175 23.74 18.74 15.58
CA LYS B 175 24.13 17.34 15.35
C LYS B 175 23.06 16.70 14.47
N THR B 176 23.50 15.83 13.56
CA THR B 176 22.62 15.12 12.66
C THR B 176 22.09 13.86 13.36
N THR B 177 20.77 13.64 13.24
CA THR B 177 20.18 12.40 13.65
C THR B 177 19.61 11.74 12.40
N THR B 178 19.34 10.43 12.54
CA THR B 178 18.87 9.56 11.48
C THR B 178 17.73 8.73 12.05
N VAL B 179 16.57 8.77 11.39
CA VAL B 179 15.47 7.92 11.69
C VAL B 179 15.30 7.01 10.48
N THR B 180 15.19 5.70 10.71
CA THR B 180 15.17 4.71 9.62
C THR B 180 13.95 3.82 9.82
N PHE B 181 13.34 3.41 8.69
CA PHE B 181 12.20 2.53 8.75
C PHE B 181 12.12 1.69 7.47
N ILE B 182 11.88 0.39 7.65
CA ILE B 182 11.62 -0.52 6.57
C ILE B 182 10.16 -0.93 6.60
N ALA B 183 9.44 -0.61 5.53
CA ALA B 183 8.09 -1.08 5.30
C ALA B 183 8.15 -2.43 4.57
N THR B 184 7.49 -3.42 5.18
CA THR B 184 7.38 -4.77 4.65
C THR B 184 6.11 -4.89 3.81
N PRO B 185 5.99 -5.97 3.01
CA PRO B 185 4.75 -6.26 2.29
C PRO B 185 3.52 -6.45 3.20
N GLU B 186 3.74 -6.75 4.50
CA GLU B 186 2.66 -6.97 5.46
C GLU B 186 2.22 -5.66 6.14
N SER B 187 2.90 -4.53 5.90
CA SER B 187 2.60 -3.27 6.56
C SER B 187 1.16 -2.85 6.30
N PRO B 188 0.41 -2.43 7.34
CA PRO B 188 -0.94 -1.90 7.15
C PRO B 188 -1.03 -0.43 6.70
N TYR B 189 0.10 0.21 6.42
CA TYR B 189 0.12 1.62 6.11
C TYR B 189 0.57 1.85 4.66
N LEU B 190 0.68 0.77 3.88
CA LEU B 190 1.13 0.95 2.49
C LEU B 190 0.15 1.89 1.76
N GLY B 191 0.70 2.81 0.96
CA GLY B 191 -0.12 3.73 0.16
C GLY B 191 -0.53 4.98 0.89
N GLN B 192 -0.19 5.12 2.19
CA GLN B 192 -0.55 6.33 2.92
C GLN B 192 0.57 7.38 2.74
N HIS B 193 0.21 8.65 2.76
CA HIS B 193 1.18 9.74 2.54
C HIS B 193 2.21 9.76 3.68
N LEU B 194 3.48 9.80 3.28
CA LEU B 194 4.55 9.97 4.25
C LEU B 194 4.46 11.37 4.87
N GLY B 195 5.00 11.48 6.09
CA GLY B 195 5.08 12.72 6.81
C GLY B 195 6.28 12.74 7.73
N ILE B 196 6.58 13.96 8.23
CA ILE B 196 7.74 14.25 9.07
C ILE B 196 7.27 15.18 10.18
N ARG B 197 7.66 14.88 11.42
CA ARG B 197 7.39 15.80 12.52
C ARG B 197 8.72 16.07 13.22
N LEU B 198 8.92 17.35 13.54
CA LEU B 198 10.05 17.85 14.30
C LEU B 198 9.51 18.47 15.59
N ILE B 199 9.84 17.86 16.74
CA ILE B 199 9.11 18.08 17.98
C ILE B 199 10.07 18.55 19.08
N ASN B 200 9.53 19.52 19.80
CA ASN B 200 10.06 20.03 21.08
C ASN B 200 9.22 19.35 22.16
N PRO B 201 9.76 18.35 22.90
CA PRO B 201 9.03 17.71 24.00
C PRO B 201 9.00 18.38 25.38
N LEU B 202 9.58 19.58 25.52
CA LEU B 202 9.45 20.47 26.67
C LEU B 202 9.92 19.77 27.95
N GLN B 203 11.16 19.24 27.86
CA GLN B 203 11.77 18.46 28.91
C GLN B 203 12.97 19.20 29.53
N GLY B 204 12.97 20.51 29.40
CA GLY B 204 13.95 21.41 30.01
C GLY B 204 13.79 22.85 29.55
N LYS B 205 14.46 23.76 30.25
CA LYS B 205 14.50 25.17 29.92
C LYS B 205 15.97 25.58 29.85
N PHE B 206 16.35 26.51 28.97
CA PHE B 206 15.60 27.22 27.96
C PHE B 206 14.95 26.22 27.00
N SER B 207 13.66 26.42 26.74
CA SER B 207 12.84 25.42 26.01
C SER B 207 12.66 25.74 24.53
N GLY B 208 13.78 26.06 23.84
CA GLY B 208 13.85 26.19 22.40
C GLY B 208 14.79 25.14 21.80
N VAL B 209 14.38 24.54 20.68
CA VAL B 209 15.17 23.56 19.92
C VAL B 209 15.02 23.94 18.44
N ASP B 210 16.11 23.79 17.70
CA ASP B 210 16.15 24.19 16.30
C ASP B 210 16.40 22.98 15.39
N PHE B 211 16.14 23.16 14.09
CA PHE B 211 16.19 22.11 13.10
C PHE B 211 16.66 22.70 11.77
N ASP B 212 17.39 21.89 11.00
CA ASP B 212 17.77 22.29 9.63
C ASP B 212 18.05 21.06 8.76
N ASN B 213 18.04 21.30 7.44
CA ASN B 213 18.53 20.35 6.45
C ASN B 213 17.77 19.03 6.52
N VAL B 214 16.45 19.08 6.42
CA VAL B 214 15.61 17.84 6.43
C VAL B 214 15.78 17.11 5.09
N ARG B 215 16.18 15.83 5.18
CA ARG B 215 16.35 14.97 4.03
C ARG B 215 15.63 13.64 4.28
N LEU B 216 15.09 13.05 3.21
CA LEU B 216 14.39 11.74 3.30
C LEU B 216 14.71 10.95 2.03
N THR B 217 15.38 9.80 2.17
CA THR B 217 15.61 8.93 1.01
C THR B 217 14.77 7.65 1.10
N ALA B 218 14.46 7.07 -0.07
CA ALA B 218 13.95 5.70 -0.19
C ALA B 218 14.95 4.87 -1.01
N GLU B 219 15.18 3.64 -0.58
CA GLU B 219 15.97 2.71 -1.37
C GLU B 219 15.39 1.31 -1.23
N PRO B 220 15.66 0.40 -2.20
CA PRO B 220 15.17 -0.97 -2.06
C PRO B 220 15.75 -1.58 -0.79
N ALA B 221 14.93 -2.38 -0.11
CA ALA B 221 15.30 -3.13 1.06
C ALA B 221 14.95 -4.60 0.81
N GLU B 222 15.85 -5.49 1.27
CA GLU B 222 15.62 -6.93 1.25
C GLU B 222 14.91 -7.31 2.55
N THR B 223 13.61 -7.66 2.47
CA THR B 223 12.81 -7.95 3.66
C THR B 223 12.97 -9.44 4.00
N ALA C 24 -5.07 -20.35 0.15
CA ALA C 24 -6.03 -19.34 -0.40
C ALA C 24 -7.13 -19.01 0.61
N VAL C 25 -7.03 -17.83 1.22
CA VAL C 25 -8.02 -17.36 2.19
C VAL C 25 -9.15 -16.62 1.48
N SER C 26 -10.36 -16.86 1.96
CA SER C 26 -11.60 -16.31 1.46
C SER C 26 -11.80 -14.91 2.04
N ILE C 27 -12.26 -13.97 1.19
CA ILE C 27 -12.41 -12.63 1.58
C ILE C 27 -13.90 -12.34 1.74
N PRO C 28 -14.40 -11.94 2.92
CA PRO C 28 -15.82 -11.72 3.12
C PRO C 28 -16.43 -10.71 2.14
N ILE C 29 -17.60 -11.09 1.61
CA ILE C 29 -18.47 -10.24 0.81
C ILE C 29 -19.87 -10.22 1.45
N LYS C 30 -20.57 -9.09 1.40
CA LYS C 30 -21.91 -9.03 1.89
C LYS C 30 -22.88 -9.63 0.86
N ASN C 31 -23.79 -10.49 1.34
CA ASN C 31 -24.86 -11.01 0.51
C ASN C 31 -24.28 -11.51 -0.83
N ALA C 32 -23.24 -12.32 -0.73
CA ALA C 32 -22.42 -12.72 -1.84
C ALA C 32 -23.17 -13.63 -2.82
N GLY C 33 -24.18 -14.37 -2.31
CA GLY C 33 -24.95 -15.30 -3.13
C GLY C 33 -26.35 -14.79 -3.36
N PHE C 34 -26.58 -13.55 -2.94
CA PHE C 34 -27.86 -12.87 -3.14
C PHE C 34 -29.00 -13.60 -2.41
N GLU C 35 -28.72 -14.16 -1.24
CA GLU C 35 -29.66 -14.99 -0.48
C GLU C 35 -30.57 -14.10 0.39
N GLU C 36 -30.24 -12.81 0.50
CA GLU C 36 -31.04 -11.77 1.12
C GLU C 36 -31.59 -10.90 0.00
N PRO C 37 -32.92 -10.69 -0.09
CA PRO C 37 -33.91 -11.20 0.85
C PRO C 37 -34.31 -12.65 0.51
N SER C 38 -34.62 -13.44 1.55
CA SER C 38 -35.45 -14.66 1.42
C SER C 38 -36.66 -14.42 0.52
N LEU C 39 -36.90 -15.37 -0.39
CA LEU C 39 -37.97 -15.33 -1.40
C LEU C 39 -38.69 -16.69 -1.44
N THR C 40 -39.89 -16.68 -2.01
CA THR C 40 -40.71 -17.87 -2.25
C THR C 40 -41.18 -17.83 -3.71
N VAL C 41 -42.46 -18.16 -3.96
CA VAL C 41 -43.04 -17.96 -5.28
C VAL C 41 -44.48 -17.45 -5.11
N TYR C 44 -41.32 -14.20 -6.11
CA TYR C 44 -40.10 -14.83 -6.68
C TYR C 44 -39.05 -13.82 -7.20
N TYR C 45 -39.33 -12.51 -7.25
CA TYR C 45 -38.32 -11.50 -7.63
C TYR C 45 -38.54 -10.17 -6.93
N THR C 46 -37.43 -9.46 -6.65
CA THR C 46 -37.51 -8.08 -6.20
C THR C 46 -37.12 -7.17 -7.35
N ILE C 47 -37.44 -5.88 -7.20
CA ILE C 47 -37.04 -4.86 -8.16
C ILE C 47 -36.16 -3.79 -7.50
N ASP C 48 -35.62 -4.05 -6.30
CA ASP C 48 -34.70 -3.11 -5.66
C ASP C 48 -33.31 -3.72 -5.54
N THR C 49 -32.32 -2.83 -5.49
CA THR C 49 -30.94 -3.22 -5.36
C THR C 49 -30.80 -4.30 -4.28
N PRO C 50 -30.12 -5.44 -4.56
CA PRO C 50 -29.86 -6.42 -3.50
C PRO C 50 -29.14 -5.80 -2.31
N PRO C 51 -29.54 -6.13 -1.07
CA PRO C 51 -28.81 -5.70 0.12
C PRO C 51 -27.34 -6.13 0.09
N GLY C 52 -26.49 -5.21 0.54
CA GLY C 52 -25.07 -5.36 0.54
C GLY C 52 -24.39 -4.76 -0.68
N TRP C 53 -25.16 -4.53 -1.74
CA TRP C 53 -24.67 -4.12 -3.06
C TRP C 53 -25.22 -2.73 -3.31
N ILE C 54 -24.59 -2.01 -4.24
CA ILE C 54 -24.92 -0.72 -4.76
C ILE C 54 -25.17 -0.85 -6.26
N THR C 55 -26.14 -0.08 -6.76
CA THR C 55 -26.34 0.07 -8.18
C THR C 55 -25.15 0.84 -8.75
N TYR C 56 -24.54 0.26 -9.79
CA TYR C 56 -23.49 0.88 -10.59
C TYR C 56 -24.14 1.40 -11.86
N ASP C 57 -24.11 2.71 -12.04
CA ASP C 57 -24.91 3.27 -13.10
C ASP C 57 -24.21 4.50 -13.65
N PRO C 58 -23.05 4.37 -14.31
CA PRO C 58 -22.26 5.55 -14.71
C PRO C 58 -22.98 6.41 -15.76
N ASN C 59 -23.94 5.83 -16.49
CA ASN C 59 -24.49 6.50 -17.64
C ASN C 59 -25.94 6.94 -17.38
N GLY C 60 -26.41 6.77 -16.14
CA GLY C 60 -27.74 7.17 -15.66
C GLY C 60 -28.91 6.44 -16.32
N LEU C 61 -28.82 5.12 -16.44
CA LEU C 61 -29.85 4.34 -17.11
C LEU C 61 -30.79 3.69 -16.11
N VAL C 62 -30.48 3.81 -14.82
CA VAL C 62 -31.18 3.06 -13.78
C VAL C 62 -31.78 4.10 -12.83
N PRO C 63 -33.12 4.26 -12.85
CA PRO C 63 -33.80 5.26 -12.00
C PRO C 63 -33.80 4.79 -10.53
N ALA C 64 -33.88 5.75 -9.60
CA ALA C 64 -34.05 5.45 -8.16
C ALA C 64 -35.42 4.82 -7.92
N LYS C 65 -36.40 5.31 -8.71
CA LYS C 65 -37.80 4.85 -8.73
C LYS C 65 -38.02 3.87 -9.88
N ARG C 66 -38.16 2.59 -9.53
CA ARG C 66 -38.24 1.59 -10.56
C ARG C 66 -39.59 0.88 -10.57
N THR C 67 -39.95 0.46 -11.78
CA THR C 67 -41.16 -0.28 -12.04
C THR C 67 -40.80 -1.59 -12.77
N ARG C 68 -41.84 -2.36 -13.07
CA ARG C 68 -41.78 -3.55 -13.90
C ARG C 68 -40.90 -3.27 -15.12
N ILE C 69 -41.11 -2.13 -15.77
CA ILE C 69 -40.61 -1.97 -17.14
C ILE C 69 -39.44 -0.98 -17.21
N THR C 70 -38.98 -0.45 -16.06
CA THR C 70 -37.76 0.35 -16.08
C THR C 70 -36.54 -0.59 -16.12
N SER C 71 -35.38 -0.01 -16.40
CA SER C 71 -34.12 -0.67 -16.05
C SER C 71 -34.21 -1.00 -14.57
N ASN C 72 -33.55 -2.09 -14.18
CA ASN C 72 -33.89 -2.81 -12.97
C ASN C 72 -32.72 -3.67 -12.53
N ASN C 73 -32.68 -3.99 -11.23
CA ASN C 73 -31.89 -5.06 -10.71
C ASN C 73 -32.61 -5.51 -9.43
N GLY C 74 -32.20 -6.66 -8.93
CA GLY C 74 -32.83 -7.32 -7.81
C GLY C 74 -32.38 -8.77 -7.73
N VAL C 75 -33.18 -9.56 -7.00
CA VAL C 75 -32.88 -10.96 -6.72
C VAL C 75 -34.08 -11.80 -7.17
N GLY C 76 -33.78 -13.02 -7.57
CA GLY C 76 -34.76 -13.90 -8.17
C GLY C 76 -34.65 -15.26 -7.53
N TYR C 77 -35.78 -15.84 -7.10
CA TYR C 77 -35.79 -17.23 -6.64
C TYR C 77 -35.73 -18.13 -7.88
N THR C 78 -34.75 -19.05 -7.89
CA THR C 78 -34.40 -19.93 -9.01
C THR C 78 -34.30 -21.36 -8.47
N GLY C 79 -35.44 -22.05 -8.45
CA GLY C 79 -35.52 -23.42 -7.98
C GLY C 79 -35.23 -24.42 -9.09
N PRO C 80 -35.47 -25.74 -8.86
CA PRO C 80 -35.08 -26.77 -9.82
C PRO C 80 -36.06 -26.90 -11.00
N ASN C 81 -37.14 -26.11 -11.00
CA ASN C 81 -38.11 -26.15 -12.08
C ASN C 81 -38.47 -24.71 -12.48
N SER C 82 -37.43 -23.91 -12.73
CA SER C 82 -37.58 -22.51 -13.05
C SER C 82 -37.93 -22.33 -14.55
N ALA C 83 -38.73 -21.30 -14.84
CA ALA C 83 -39.08 -20.91 -16.19
C ALA C 83 -37.83 -20.44 -16.97
N TYR C 84 -36.79 -19.98 -16.25
CA TYR C 84 -35.69 -19.23 -16.91
C TYR C 84 -34.40 -20.05 -17.03
N TYR C 85 -34.29 -21.16 -16.30
CA TYR C 85 -33.00 -21.89 -16.21
C TYR C 85 -33.19 -23.40 -16.25
N ASN C 86 -32.17 -24.11 -16.76
CA ASN C 86 -32.24 -25.56 -16.85
C ASN C 86 -32.14 -26.16 -15.45
N HIS C 87 -31.40 -25.50 -14.55
CA HIS C 87 -31.13 -25.97 -13.18
C HIS C 87 -31.45 -24.87 -12.17
N LYS C 88 -31.50 -25.27 -10.90
CA LYS C 88 -31.68 -24.36 -9.80
C LYS C 88 -30.46 -23.42 -9.72
N ALA C 89 -30.63 -22.35 -8.94
CA ALA C 89 -29.58 -21.38 -8.66
C ALA C 89 -28.26 -22.10 -8.43
N PRO C 90 -27.12 -21.64 -8.99
CA PRO C 90 -25.83 -22.25 -8.68
C PRO C 90 -25.56 -22.36 -7.17
N GLU C 91 -26.11 -21.44 -6.37
CA GLU C 91 -25.89 -21.41 -4.93
C GLU C 91 -27.19 -20.96 -4.26
N GLY C 92 -27.55 -21.69 -3.18
CA GLY C 92 -28.75 -21.34 -2.43
C GLY C 92 -30.00 -21.39 -3.28
N ARG C 93 -30.89 -20.41 -3.04
CA ARG C 93 -32.18 -20.31 -3.63
C ARG C 93 -32.23 -19.22 -4.71
N ASN C 94 -31.31 -18.24 -4.64
CA ASN C 94 -31.55 -16.97 -5.32
C ASN C 94 -30.39 -16.62 -6.26
N VAL C 95 -30.71 -15.83 -7.29
CA VAL C 95 -29.70 -15.17 -8.13
C VAL C 95 -30.01 -13.68 -8.20
N ALA C 96 -29.01 -12.88 -8.60
CA ALA C 96 -29.15 -11.45 -8.90
C ALA C 96 -29.45 -11.29 -10.38
N TYR C 97 -30.25 -10.28 -10.75
CA TYR C 97 -30.35 -9.94 -12.15
C TYR C 97 -30.07 -8.45 -12.33
N VAL C 98 -29.63 -8.11 -13.55
CA VAL C 98 -29.46 -6.75 -14.02
C VAL C 98 -30.09 -6.64 -15.41
N TYR C 99 -31.14 -5.80 -15.51
CA TYR C 99 -31.90 -5.61 -16.71
C TYR C 99 -31.84 -4.13 -17.15
N LEU C 100 -31.53 -3.91 -18.42
CA LEU C 100 -31.52 -2.57 -18.97
C LEU C 100 -32.56 -2.46 -20.09
N ALA C 101 -33.42 -1.45 -19.95
CA ALA C 101 -34.56 -1.19 -20.86
C ALA C 101 -34.07 -0.49 -22.13
N GLN C 102 -33.02 0.33 -22.01
CA GLN C 102 -32.55 1.17 -23.11
C GLN C 102 -31.95 0.34 -24.26
N GLU C 103 -31.81 0.97 -25.42
CA GLU C 103 -31.34 0.36 -26.64
C GLU C 103 -29.88 -0.09 -26.46
N ILE C 104 -29.53 -1.12 -27.24
CA ILE C 104 -28.17 -1.64 -27.33
C ILE C 104 -27.20 -0.48 -27.62
N GLY C 105 -26.14 -0.39 -26.82
CA GLY C 105 -25.12 0.61 -27.03
C GLY C 105 -25.32 1.87 -26.20
N SER C 106 -26.40 1.94 -25.40
CA SER C 106 -26.67 3.15 -24.58
C SER C 106 -25.77 3.29 -23.35
N GLY C 107 -25.06 2.23 -22.96
CA GLY C 107 -24.10 2.33 -21.87
C GLY C 107 -24.11 1.06 -21.02
N ILE C 108 -23.56 1.12 -19.81
CA ILE C 108 -23.40 -0.06 -19.00
C ILE C 108 -24.00 0.23 -17.63
N ALA C 109 -24.42 -0.83 -16.95
CA ALA C 109 -24.80 -0.71 -15.54
C ALA C 109 -24.76 -2.08 -14.87
N GLY C 110 -24.82 -2.10 -13.54
CA GLY C 110 -24.82 -3.35 -12.82
C GLY C 110 -24.83 -3.13 -11.33
N LEU C 111 -24.09 -4.01 -10.64
CA LEU C 111 -24.04 -4.05 -9.18
C LEU C 111 -22.58 -3.94 -8.75
N GLU C 112 -22.34 -3.23 -7.65
CA GLU C 112 -20.96 -3.18 -7.13
C GLU C 112 -20.96 -3.19 -5.61
N GLN C 113 -19.84 -3.59 -5.05
CA GLN C 113 -19.69 -3.65 -3.62
C GLN C 113 -18.22 -3.38 -3.30
N THR C 114 -18.01 -2.44 -2.35
CA THR C 114 -16.73 -2.14 -1.75
C THR C 114 -16.56 -3.02 -0.52
N LEU C 115 -15.44 -3.74 -0.44
CA LEU C 115 -15.16 -4.66 0.62
C LEU C 115 -14.32 -3.96 1.68
N ASP C 116 -14.32 -4.55 2.88
CA ASP C 116 -13.49 -4.14 4.01
C ASP C 116 -12.02 -4.47 3.72
N ALA C 117 -11.74 -5.53 2.97
CA ALA C 117 -10.34 -5.92 2.67
C ALA C 117 -9.67 -4.89 1.73
N VAL C 118 -8.34 -4.78 1.84
CA VAL C 118 -7.54 -3.79 1.09
C VAL C 118 -6.51 -4.53 0.26
N LEU C 119 -6.06 -3.91 -0.84
CA LEU C 119 -5.15 -4.57 -1.73
C LEU C 119 -3.79 -4.74 -1.02
N LYS C 120 -3.16 -5.91 -1.22
CA LYS C 120 -1.94 -6.28 -0.54
C LYS C 120 -0.95 -6.77 -1.58
N PRO C 121 0.34 -6.45 -1.43
CA PRO C 121 1.38 -6.84 -2.39
C PRO C 121 1.75 -8.32 -2.26
N ASN C 122 2.36 -8.88 -3.31
CA ASN C 122 2.73 -10.30 -3.37
C ASN C 122 1.53 -11.22 -3.13
N THR C 123 0.35 -10.79 -3.56
CA THR C 123 -0.88 -11.52 -3.35
C THR C 123 -1.58 -11.73 -4.71
N LYS C 124 -2.08 -12.95 -4.90
CA LYS C 124 -2.94 -13.31 -6.03
C LYS C 124 -4.40 -13.34 -5.56
N TYR C 125 -5.24 -12.51 -6.21
CA TYR C 125 -6.65 -12.48 -5.96
C TYR C 125 -7.39 -13.27 -7.06
N THR C 126 -8.32 -14.11 -6.62
CA THR C 126 -9.18 -14.85 -7.55
C THR C 126 -10.64 -14.48 -7.29
N LEU C 127 -11.23 -13.82 -8.30
CA LEU C 127 -12.63 -13.43 -8.23
C LEU C 127 -13.46 -14.39 -9.08
N THR C 128 -14.39 -15.11 -8.45
CA THR C 128 -15.17 -16.13 -9.14
C THR C 128 -16.64 -15.77 -9.07
N VAL C 129 -17.32 -15.75 -10.22
CA VAL C 129 -18.75 -15.41 -10.24
C VAL C 129 -19.44 -16.30 -11.27
N ASP C 130 -20.65 -16.78 -10.96
CA ASP C 130 -21.44 -17.45 -11.98
C ASP C 130 -22.27 -16.44 -12.79
N ILE C 131 -22.19 -16.56 -14.13
CA ILE C 131 -22.93 -15.70 -15.04
C ILE C 131 -24.10 -16.50 -15.63
N GLY C 132 -25.29 -15.89 -15.64
CA GLY C 132 -26.44 -16.53 -16.14
C GLY C 132 -27.12 -15.81 -17.27
N ASN C 133 -27.49 -16.62 -18.26
CA ASN C 133 -28.24 -16.20 -19.40
C ASN C 133 -29.68 -16.69 -19.21
N SER C 134 -30.53 -15.82 -18.66
CA SER C 134 -31.92 -16.14 -18.41
C SER C 134 -32.57 -16.52 -19.74
N GLY C 135 -33.34 -17.63 -19.72
CA GLY C 135 -34.08 -18.06 -20.88
C GLY C 135 -35.57 -18.07 -20.62
N GLY C 136 -36.30 -18.78 -21.48
CA GLY C 136 -37.72 -18.94 -21.33
C GLY C 136 -38.47 -17.66 -21.61
N SER C 137 -39.48 -17.42 -20.80
CA SER C 137 -40.33 -16.26 -20.91
C SER C 137 -40.75 -15.80 -19.51
N PHE C 138 -40.94 -14.47 -19.36
CA PHE C 138 -41.42 -13.81 -18.15
C PHE C 138 -42.76 -13.19 -18.50
N GLN C 139 -43.84 -13.88 -18.11
CA GLN C 139 -45.17 -13.32 -18.25
C GLN C 139 -45.43 -12.98 -19.72
N GLY C 140 -45.15 -13.94 -20.61
CA GLY C 140 -45.40 -13.76 -22.04
C GLY C 140 -44.23 -13.13 -22.81
N PHE C 141 -43.30 -12.45 -22.11
CA PHE C 141 -42.20 -11.76 -22.80
C PHE C 141 -40.96 -12.66 -22.89
N PRO C 142 -40.41 -12.91 -24.09
CA PRO C 142 -39.30 -13.84 -24.27
C PRO C 142 -37.99 -13.26 -23.73
N LEU C 143 -37.13 -14.15 -23.19
CA LEU C 143 -35.85 -13.78 -22.62
C LEU C 143 -34.71 -14.24 -23.54
N ASP C 144 -35.07 -14.69 -24.75
CA ASP C 144 -34.09 -15.07 -25.74
C ASP C 144 -33.22 -13.85 -26.07
N GLY C 145 -31.91 -14.12 -26.21
CA GLY C 145 -30.88 -13.12 -26.42
C GLY C 145 -30.15 -12.82 -25.11
N PHE C 146 -29.03 -12.09 -25.21
CA PHE C 146 -28.22 -11.86 -24.02
C PHE C 146 -27.43 -10.56 -24.20
N PRO C 147 -27.25 -9.74 -23.14
CA PRO C 147 -26.52 -8.48 -23.29
C PRO C 147 -25.01 -8.52 -23.09
N GLY C 148 -24.48 -9.71 -22.88
CA GLY C 148 -23.12 -9.87 -22.49
C GLY C 148 -22.94 -9.65 -20.99
N TYR C 149 -21.70 -9.72 -20.53
CA TYR C 149 -21.35 -9.48 -19.14
C TYR C 149 -19.94 -8.91 -19.06
N ARG C 150 -19.68 -8.25 -17.93
CA ARG C 150 -18.35 -7.93 -17.59
C ARG C 150 -18.21 -8.03 -16.07
N VAL C 151 -17.14 -8.69 -15.63
CA VAL C 151 -16.84 -8.78 -14.24
C VAL C 151 -15.53 -8.06 -13.97
N GLU C 152 -15.50 -7.25 -12.90
CA GLU C 152 -14.35 -6.40 -12.57
C GLU C 152 -13.96 -6.63 -11.12
N LEU C 153 -12.64 -6.74 -10.89
CA LEU C 153 -12.05 -6.58 -9.56
C LEU C 153 -11.49 -5.15 -9.44
N LEU C 154 -11.89 -4.44 -8.37
CA LEU C 154 -11.45 -3.05 -8.11
C LEU C 154 -10.48 -2.92 -6.94
N ALA C 155 -9.70 -1.85 -7.00
CA ALA C 155 -9.09 -1.23 -5.81
C ALA C 155 -9.45 0.24 -5.85
N GLY C 156 -10.04 0.71 -4.76
CA GLY C 156 -10.71 2.04 -4.74
C GLY C 156 -11.56 2.21 -5.98
N ASP C 157 -11.22 3.17 -6.85
CA ASP C 157 -12.02 3.51 -8.02
C ASP C 157 -11.51 2.83 -9.31
N THR C 158 -10.44 2.05 -9.16
CA THR C 158 -9.70 1.57 -10.31
C THR C 158 -10.09 0.11 -10.60
N VAL C 159 -10.27 -0.19 -11.90
CA VAL C 159 -10.43 -1.54 -12.37
C VAL C 159 -9.04 -2.20 -12.48
N LEU C 160 -8.75 -3.12 -11.56
CA LEU C 160 -7.47 -3.80 -11.60
C LEU C 160 -7.50 -4.79 -12.76
N ALA C 161 -8.58 -5.58 -12.82
CA ALA C 161 -8.65 -6.68 -13.74
C ALA C 161 -10.12 -6.94 -14.11
N ALA C 162 -10.34 -7.43 -15.34
CA ALA C 162 -11.66 -7.60 -15.86
C ALA C 162 -11.68 -8.70 -16.94
N ASP C 163 -12.84 -9.38 -17.00
CA ASP C 163 -13.27 -10.26 -18.05
C ASP C 163 -14.55 -9.63 -18.64
N GLN C 164 -14.53 -9.33 -19.95
CA GLN C 164 -15.76 -9.06 -20.71
C GLN C 164 -15.95 -10.16 -21.76
N ASN C 165 -16.96 -11.02 -21.57
CA ASN C 165 -17.53 -11.94 -22.56
C ASN C 165 -16.55 -13.00 -23.04
N ASN C 166 -15.58 -13.37 -22.21
CA ASN C 166 -14.66 -14.46 -22.64
C ASN C 166 -15.41 -15.79 -22.66
N LEU C 167 -16.42 -15.92 -21.82
CA LEU C 167 -17.23 -17.10 -21.79
C LEU C 167 -18.48 -16.89 -22.62
N TYR C 168 -18.90 -17.98 -23.29
CA TYR C 168 -20.21 -18.10 -23.92
C TYR C 168 -21.18 -18.73 -22.92
N ILE C 169 -22.34 -18.10 -22.69
CA ILE C 169 -23.36 -18.67 -21.83
C ILE C 169 -24.63 -18.90 -22.66
N LYS C 170 -24.98 -20.18 -22.82
CA LYS C 170 -26.19 -20.61 -23.50
C LYS C 170 -27.44 -20.08 -22.77
N GLU C 171 -28.53 -19.97 -23.50
CA GLU C 171 -29.81 -19.73 -22.91
C GLU C 171 -30.10 -20.80 -21.84
N LYS C 172 -30.57 -20.34 -20.68
CA LYS C 172 -31.00 -21.13 -19.54
C LYS C 172 -29.82 -21.72 -18.76
N ASP C 173 -28.61 -21.21 -18.99
CA ASP C 173 -27.41 -21.79 -18.38
C ASP C 173 -26.72 -20.71 -17.52
N PHE C 174 -25.98 -21.21 -16.53
CA PHE C 174 -25.00 -20.45 -15.78
C PHE C 174 -23.64 -21.04 -16.10
N LYS C 175 -22.62 -20.18 -16.18
CA LYS C 175 -21.22 -20.57 -16.32
C LYS C 175 -20.38 -19.76 -15.33
N THR C 176 -19.31 -20.37 -14.82
CA THR C 176 -18.42 -19.75 -13.86
C THR C 176 -17.31 -19.01 -14.62
N THR C 177 -17.11 -17.73 -14.27
CA THR C 177 -15.95 -17.05 -14.82
C THR C 177 -14.98 -16.78 -13.68
N THR C 178 -13.71 -16.65 -14.03
CA THR C 178 -12.65 -16.34 -13.07
C THR C 178 -11.88 -15.10 -13.54
N VAL C 179 -11.72 -14.14 -12.62
CA VAL C 179 -10.87 -12.98 -12.86
C VAL C 179 -9.77 -13.04 -11.82
N THR C 180 -8.52 -12.97 -12.30
CA THR C 180 -7.38 -13.10 -11.46
C THR C 180 -6.50 -11.86 -11.57
N PHE C 181 -5.80 -11.55 -10.47
CA PHE C 181 -4.94 -10.40 -10.44
C PHE C 181 -3.89 -10.57 -9.35
N ILE C 182 -2.65 -10.26 -9.75
CA ILE C 182 -1.55 -10.22 -8.83
C ILE C 182 -1.11 -8.77 -8.58
N ALA C 183 -1.06 -8.40 -7.31
CA ALA C 183 -0.62 -7.11 -6.88
C ALA C 183 0.85 -7.23 -6.51
N THR C 184 1.71 -6.47 -7.18
CA THR C 184 3.16 -6.48 -6.94
C THR C 184 3.49 -5.43 -5.89
N PRO C 185 4.73 -5.47 -5.34
CA PRO C 185 5.21 -4.40 -4.48
C PRO C 185 5.24 -2.99 -5.11
N GLU C 186 5.20 -2.89 -6.43
CA GLU C 186 5.28 -1.62 -7.13
C GLU C 186 3.88 -1.08 -7.47
N SER C 187 2.82 -1.79 -7.07
CA SER C 187 1.48 -1.42 -7.39
C SER C 187 1.17 -0.05 -6.79
N PRO C 188 0.49 0.84 -7.52
CA PRO C 188 0.08 2.13 -6.95
C PRO C 188 -1.24 2.12 -6.16
N TYR C 189 -1.86 0.94 -5.96
CA TYR C 189 -3.18 0.87 -5.37
C TYR C 189 -3.14 0.10 -4.04
N LEU C 190 -1.92 -0.20 -3.57
CA LEU C 190 -1.82 -0.91 -2.27
C LEU C 190 -2.56 -0.11 -1.19
N GLY C 191 -3.28 -0.82 -0.31
CA GLY C 191 -3.95 -0.17 0.80
C GLY C 191 -5.35 0.34 0.48
N GLN C 192 -5.75 0.29 -0.80
CA GLN C 192 -7.04 0.74 -1.22
C GLN C 192 -8.01 -0.44 -1.11
N HIS C 193 -9.26 -0.12 -0.82
CA HIS C 193 -10.30 -1.11 -0.53
C HIS C 193 -10.64 -1.84 -1.83
N LEU C 194 -10.69 -3.17 -1.71
CA LEU C 194 -11.08 -4.03 -2.80
C LEU C 194 -12.55 -3.79 -3.10
N GLY C 195 -12.91 -4.08 -4.36
CA GLY C 195 -14.30 -3.97 -4.81
C GLY C 195 -14.55 -4.95 -5.95
N ILE C 196 -15.84 -5.12 -6.24
CA ILE C 196 -16.35 -6.07 -7.21
C ILE C 196 -17.45 -5.38 -8.01
N ARG C 197 -17.39 -5.49 -9.35
CA ARG C 197 -18.48 -5.02 -10.17
C ARG C 197 -18.95 -6.14 -11.10
N LEU C 198 -20.27 -6.22 -11.22
CA LEU C 198 -21.00 -7.18 -12.03
C LEU C 198 -21.80 -6.35 -13.03
N ILE C 199 -21.43 -6.39 -14.31
CA ILE C 199 -21.93 -5.41 -15.26
C ILE C 199 -22.68 -6.07 -16.41
N ASN C 200 -23.78 -5.41 -16.76
CA ASN C 200 -24.54 -5.60 -18.00
C ASN C 200 -24.03 -4.56 -19.00
N PRO C 201 -23.30 -4.95 -20.06
CA PRO C 201 -22.77 -3.99 -21.03
C PRO C 201 -23.70 -3.67 -22.21
N LEU C 202 -24.94 -4.21 -22.19
CA LEU C 202 -26.06 -3.83 -23.08
C LEU C 202 -25.67 -4.01 -24.55
N GLN C 203 -25.16 -5.21 -24.88
CA GLN C 203 -24.67 -5.56 -26.21
C GLN C 203 -25.62 -6.53 -26.93
N GLY C 204 -26.86 -6.61 -26.47
CA GLY C 204 -27.86 -7.49 -27.05
C GLY C 204 -29.15 -7.39 -26.25
N LYS C 205 -30.23 -7.88 -26.87
CA LYS C 205 -31.50 -8.08 -26.20
C LYS C 205 -32.01 -9.50 -26.45
N PHE C 206 -32.75 -10.12 -25.50
CA PHE C 206 -33.21 -9.55 -24.25
C PHE C 206 -32.02 -9.12 -23.39
N SER C 207 -32.09 -7.93 -22.81
CA SER C 207 -30.93 -7.33 -22.16
C SER C 207 -30.92 -7.52 -20.62
N GLY C 208 -31.13 -8.76 -20.18
CA GLY C 208 -30.98 -9.17 -18.82
C GLY C 208 -29.84 -10.17 -18.68
N VAL C 209 -29.02 -10.02 -17.65
CA VAL C 209 -27.94 -10.97 -17.32
C VAL C 209 -27.99 -11.15 -15.81
N ASP C 210 -27.71 -12.37 -15.37
CA ASP C 210 -27.82 -12.74 -13.96
C ASP C 210 -26.46 -13.12 -13.39
N PHE C 211 -26.36 -13.15 -12.06
CA PHE C 211 -25.16 -13.48 -11.36
C PHE C 211 -25.46 -14.27 -10.07
N ASP C 212 -24.53 -15.13 -9.69
CA ASP C 212 -24.70 -15.78 -8.39
C ASP C 212 -23.32 -16.21 -7.87
N ASN C 213 -23.31 -16.52 -6.56
CA ASN C 213 -22.20 -17.12 -5.88
C ASN C 213 -20.89 -16.35 -6.13
N VAL C 214 -20.89 -15.08 -5.74
CA VAL C 214 -19.63 -14.25 -5.82
C VAL C 214 -18.64 -14.71 -4.75
N ARG C 215 -17.44 -15.08 -5.19
CA ARG C 215 -16.35 -15.48 -4.32
C ARG C 215 -15.09 -14.70 -4.65
N LEU C 216 -14.29 -14.40 -3.63
CA LEU C 216 -12.98 -13.73 -3.76
C LEU C 216 -12.01 -14.35 -2.76
N THR C 217 -10.88 -14.89 -3.23
CA THR C 217 -9.82 -15.37 -2.34
C THR C 217 -8.52 -14.60 -2.60
N ALA C 218 -7.66 -14.61 -1.58
CA ALA C 218 -6.31 -14.09 -1.70
C ALA C 218 -5.35 -15.22 -1.34
N GLU C 219 -4.22 -15.25 -2.01
CA GLU C 219 -3.22 -16.24 -1.68
C GLU C 219 -1.86 -15.63 -1.96
N PRO C 220 -0.77 -16.16 -1.36
CA PRO C 220 0.57 -15.63 -1.62
C PRO C 220 0.95 -15.85 -3.08
N ALA C 221 1.62 -14.87 -3.68
CA ALA C 221 2.06 -14.98 -5.05
C ALA C 221 3.59 -15.02 -5.04
N GLU C 222 4.21 -15.57 -6.08
CA GLU C 222 5.64 -15.32 -6.33
C GLU C 222 5.74 -14.23 -7.39
N THR C 223 6.08 -13.00 -6.96
CA THR C 223 6.43 -11.92 -7.89
C THR C 223 7.93 -11.97 -8.13
N ALA D 24 32.22 1.94 31.53
CA ALA D 24 30.74 2.03 31.78
C ALA D 24 30.35 1.09 32.92
N VAL D 25 29.48 1.56 33.81
CA VAL D 25 29.07 0.78 34.98
C VAL D 25 27.67 0.20 34.74
N SER D 26 27.55 -1.13 34.85
CA SER D 26 26.30 -1.81 34.62
C SER D 26 25.34 -1.49 35.76
N ILE D 27 24.06 -1.20 35.44
CA ILE D 27 23.06 -0.92 36.45
C ILE D 27 22.21 -2.17 36.60
N PRO D 28 21.97 -2.65 37.84
CA PRO D 28 21.15 -3.85 38.06
C PRO D 28 19.67 -3.64 37.68
N ILE D 29 19.13 -4.63 36.96
CA ILE D 29 17.74 -4.74 36.54
C ILE D 29 17.25 -6.14 36.98
N LYS D 30 16.06 -6.20 37.59
CA LYS D 30 15.46 -7.49 37.92
C LYS D 30 15.04 -8.26 36.65
N ASN D 31 15.52 -9.51 36.56
CA ASN D 31 15.12 -10.50 35.54
C ASN D 31 15.30 -9.89 34.14
N ALA D 32 16.53 -9.41 33.92
CA ALA D 32 16.89 -8.58 32.81
C ALA D 32 16.80 -9.38 31.50
N GLY D 33 17.11 -10.69 31.56
CA GLY D 33 17.09 -11.61 30.41
C GLY D 33 15.92 -12.59 30.40
N PHE D 34 14.94 -12.33 31.27
CA PHE D 34 13.70 -13.09 31.42
C PHE D 34 14.05 -14.60 31.60
N GLU D 35 15.15 -14.90 32.27
CA GLU D 35 15.57 -16.30 32.51
C GLU D 35 14.73 -16.92 33.64
N GLU D 36 13.97 -16.09 34.37
CA GLU D 36 13.09 -16.54 35.44
C GLU D 36 11.64 -16.31 35.00
N PRO D 37 10.76 -17.33 35.09
CA PRO D 37 11.06 -18.66 35.60
C PRO D 37 11.82 -19.56 34.60
N SER D 38 12.51 -20.57 35.13
CA SER D 38 13.23 -21.56 34.32
C SER D 38 12.20 -22.47 33.65
N LEU D 39 12.52 -22.96 32.44
CA LEU D 39 11.61 -23.79 31.63
C LEU D 39 12.40 -24.91 30.94
N THR D 40 11.69 -25.93 30.43
CA THR D 40 12.37 -27.11 29.82
C THR D 40 11.85 -27.51 28.44
N VAL D 41 10.56 -27.30 28.12
CA VAL D 41 9.99 -27.76 26.82
C VAL D 41 10.15 -26.68 25.74
N GLU D 42 11.09 -26.91 24.80
CA GLU D 42 11.32 -26.00 23.67
C GLU D 42 9.96 -25.50 23.15
N ASP D 43 9.85 -24.17 22.98
CA ASP D 43 8.68 -23.40 22.46
C ASP D 43 7.51 -23.36 23.45
N TYR D 44 7.71 -23.68 24.73
CA TYR D 44 6.66 -23.48 25.73
C TYR D 44 6.64 -22.01 26.20
N TYR D 45 5.43 -21.44 26.25
CA TYR D 45 5.24 -20.03 26.52
C TYR D 45 4.36 -19.95 27.78
N THR D 46 4.83 -19.20 28.78
CA THR D 46 4.10 -18.94 30.02
C THR D 46 3.04 -17.86 29.74
N ILE D 47 2.17 -17.55 30.70
CA ILE D 47 1.05 -16.58 30.52
C ILE D 47 0.93 -15.58 31.67
N ASP D 48 2.00 -15.35 32.43
CA ASP D 48 1.97 -14.33 33.48
C ASP D 48 3.10 -13.32 33.23
N THR D 49 2.85 -12.08 33.66
CA THR D 49 3.86 -11.01 33.63
C THR D 49 5.21 -11.56 34.09
N PRO D 50 6.30 -11.42 33.32
CA PRO D 50 7.60 -11.87 33.82
C PRO D 50 7.83 -11.35 35.25
N PRO D 51 8.47 -12.13 36.14
CA PRO D 51 8.77 -11.65 37.47
C PRO D 51 9.72 -10.45 37.40
N GLY D 52 9.43 -9.42 38.20
CA GLY D 52 10.30 -8.25 38.31
C GLY D 52 9.93 -7.16 37.30
N TRP D 53 9.04 -7.48 36.36
CA TRP D 53 8.45 -6.50 35.47
C TRP D 53 6.99 -6.28 35.87
N ILE D 54 6.43 -5.16 35.44
CA ILE D 54 5.04 -4.76 35.67
C ILE D 54 4.39 -4.66 34.28
N THR D 55 3.15 -5.15 34.10
CA THR D 55 2.38 -4.93 32.85
C THR D 55 2.11 -3.43 32.67
N TYR D 56 2.56 -2.87 31.54
CA TYR D 56 2.22 -1.49 31.18
C TYR D 56 1.03 -1.52 30.23
N ASP D 57 -0.06 -0.84 30.60
CA ASP D 57 -1.37 -1.03 29.98
C ASP D 57 -2.20 0.23 30.10
N PRO D 58 -1.72 1.39 29.59
CA PRO D 58 -2.44 2.65 29.74
C PRO D 58 -3.83 2.69 29.06
N ASN D 59 -4.09 1.78 28.14
CA ASN D 59 -5.33 1.78 27.38
C ASN D 59 -6.19 0.56 27.74
N GLY D 60 -5.77 -0.24 28.72
CA GLY D 60 -6.59 -1.37 29.19
C GLY D 60 -6.84 -2.42 28.11
N LEU D 61 -5.77 -2.90 27.47
CA LEU D 61 -5.81 -3.92 26.42
C LEU D 61 -5.42 -5.29 26.96
N VAL D 62 -4.79 -5.35 28.14
CA VAL D 62 -4.47 -6.63 28.75
C VAL D 62 -5.51 -6.81 29.84
N PRO D 63 -6.47 -7.74 29.63
CA PRO D 63 -7.60 -7.90 30.55
C PRO D 63 -7.14 -8.71 31.76
N ALA D 64 -7.91 -8.62 32.84
CA ALA D 64 -7.64 -9.36 34.09
C ALA D 64 -7.66 -10.86 33.85
N LYS D 65 -8.67 -11.34 33.10
CA LYS D 65 -8.78 -12.75 32.73
C LYS D 65 -8.11 -13.00 31.37
N ARG D 66 -7.01 -13.76 31.38
CA ARG D 66 -6.23 -14.04 30.20
C ARG D 66 -6.60 -15.42 29.66
N THR D 67 -6.92 -15.46 28.36
CA THR D 67 -7.29 -16.70 27.69
C THR D 67 -6.53 -16.76 26.36
N ARG D 68 -6.70 -17.88 25.65
CA ARG D 68 -6.10 -18.14 24.36
C ARG D 68 -6.30 -16.94 23.43
N ILE D 69 -7.43 -16.23 23.58
CA ILE D 69 -7.85 -15.29 22.55
C ILE D 69 -7.75 -13.82 23.00
N THR D 70 -7.15 -13.57 24.16
CA THR D 70 -6.95 -12.21 24.70
C THR D 70 -5.49 -11.80 24.47
N SER D 71 -5.20 -10.54 24.76
CA SER D 71 -3.79 -10.18 24.94
C SER D 71 -3.14 -11.08 26.01
N ASN D 72 -1.81 -11.14 25.96
CA ASN D 72 -1.02 -12.03 26.80
C ASN D 72 0.43 -11.52 26.80
N ASN D 73 1.09 -11.63 27.96
CA ASN D 73 2.55 -11.42 28.06
C ASN D 73 3.12 -12.46 29.02
N GLY D 74 4.42 -12.76 28.89
CA GLY D 74 5.07 -13.81 29.66
C GLY D 74 6.44 -14.07 29.11
N VAL D 75 6.99 -15.26 29.37
CA VAL D 75 8.29 -15.62 28.77
C VAL D 75 8.12 -16.90 27.93
N GLY D 76 9.13 -17.25 27.13
CA GLY D 76 9.09 -18.43 26.30
C GLY D 76 10.46 -19.03 26.04
N TYR D 77 10.55 -20.35 26.16
CA TYR D 77 11.77 -21.09 25.89
C TYR D 77 12.16 -20.93 24.41
N THR D 78 13.41 -20.54 24.11
CA THR D 78 13.82 -20.29 22.72
C THR D 78 15.24 -20.82 22.47
N GLY D 79 15.25 -22.10 22.05
CA GLY D 79 16.45 -22.87 21.87
C GLY D 79 16.88 -22.97 20.41
N PRO D 80 17.91 -23.81 20.14
CA PRO D 80 18.43 -23.97 18.78
C PRO D 80 17.38 -24.59 17.84
N ASN D 81 16.41 -25.32 18.41
CA ASN D 81 15.32 -25.95 17.64
C ASN D 81 13.95 -25.32 17.97
N SER D 82 13.87 -23.98 18.04
CA SER D 82 12.57 -23.31 18.20
C SER D 82 11.84 -23.26 16.85
N ALA D 83 10.52 -23.42 16.93
CA ALA D 83 9.62 -23.25 15.80
C ALA D 83 9.53 -21.79 15.35
N TYR D 84 9.85 -20.85 16.25
CA TYR D 84 9.52 -19.42 16.08
C TYR D 84 10.75 -18.57 15.68
N TYR D 85 11.96 -19.09 15.87
CA TYR D 85 13.21 -18.33 15.67
C TYR D 85 14.27 -19.22 15.01
N ASN D 86 15.03 -18.66 14.06
CA ASN D 86 16.06 -19.39 13.35
C ASN D 86 17.12 -19.87 14.37
N HIS D 87 17.54 -18.95 15.23
CA HIS D 87 18.57 -19.23 16.22
C HIS D 87 17.96 -19.25 17.62
N LYS D 88 18.74 -19.69 18.60
CA LYS D 88 18.32 -19.73 20.00
C LYS D 88 18.23 -18.29 20.51
N ALA D 89 17.63 -18.12 21.69
CA ALA D 89 17.59 -16.86 22.45
C ALA D 89 18.89 -16.09 22.33
N PRO D 90 18.84 -14.74 22.28
CA PRO D 90 20.05 -13.92 22.34
C PRO D 90 20.89 -14.19 23.61
N GLU D 91 20.21 -14.50 24.71
CA GLU D 91 20.78 -14.60 26.04
C GLU D 91 19.97 -15.66 26.78
N GLY D 92 20.67 -16.62 27.40
CA GLY D 92 20.05 -17.72 28.15
C GLY D 92 19.11 -18.56 27.31
N ARG D 93 18.05 -19.04 27.97
CA ARG D 93 16.98 -19.91 27.44
C ARG D 93 15.71 -19.13 27.05
N ASN D 94 15.39 -18.01 27.72
CA ASN D 94 14.05 -17.41 27.59
C ASN D 94 14.09 -16.02 26.98
N VAL D 95 12.98 -15.68 26.31
CA VAL D 95 12.67 -14.34 25.87
C VAL D 95 11.33 -13.96 26.48
N ALA D 96 11.04 -12.66 26.59
CA ALA D 96 9.70 -12.21 26.98
C ALA D 96 8.90 -11.98 25.70
N TYR D 97 7.57 -12.02 25.81
CA TYR D 97 6.71 -11.62 24.69
C TYR D 97 5.59 -10.73 25.21
N VAL D 98 5.15 -9.84 24.33
CA VAL D 98 3.94 -9.02 24.52
C VAL D 98 3.06 -9.23 23.28
N TYR D 99 1.92 -9.92 23.45
CA TYR D 99 0.92 -10.09 22.40
C TYR D 99 -0.33 -9.26 22.68
N LEU D 100 -0.79 -8.53 21.66
CA LEU D 100 -2.04 -7.76 21.74
C LEU D 100 -3.04 -8.32 20.71
N ALA D 101 -4.23 -8.68 21.21
CA ALA D 101 -5.29 -9.28 20.37
C ALA D 101 -6.13 -8.23 19.63
N GLN D 102 -6.18 -7.01 20.15
CA GLN D 102 -7.07 -6.02 19.58
C GLN D 102 -6.56 -5.57 18.20
N GLU D 103 -7.38 -4.76 17.52
CA GLU D 103 -7.13 -4.38 16.11
C GLU D 103 -6.04 -3.30 16.06
N ILE D 104 -5.35 -3.21 14.93
CA ILE D 104 -4.36 -2.15 14.71
C ILE D 104 -5.00 -0.81 15.10
N GLY D 105 -4.26 0.00 15.89
CA GLY D 105 -4.71 1.36 16.29
C GLY D 105 -5.39 1.45 17.66
N SER D 106 -5.61 0.34 18.36
CA SER D 106 -6.34 0.29 19.62
C SER D 106 -5.57 0.83 20.84
N GLY D 107 -4.27 1.09 20.70
CA GLY D 107 -3.43 1.63 21.75
C GLY D 107 -2.12 0.85 21.84
N ILE D 108 -1.44 0.94 22.98
CA ILE D 108 -0.12 0.33 23.20
C ILE D 108 -0.10 -0.39 24.55
N ALA D 109 0.82 -1.36 24.70
CA ALA D 109 1.04 -2.01 25.96
C ALA D 109 2.41 -2.67 25.93
N GLY D 110 2.90 -3.05 27.11
CA GLY D 110 4.17 -3.73 27.22
C GLY D 110 4.51 -4.03 28.68
N LEU D 111 5.80 -3.95 28.97
CA LEU D 111 6.37 -4.29 30.26
C LEU D 111 7.19 -3.08 30.73
N GLU D 112 7.16 -2.81 32.03
CA GLU D 112 7.98 -1.73 32.57
C GLU D 112 8.56 -2.16 33.90
N GLN D 113 9.64 -1.48 34.27
CA GLN D 113 10.34 -1.77 35.50
C GLN D 113 11.02 -0.47 35.96
N THR D 114 10.78 -0.13 37.22
CA THR D 114 11.41 0.97 37.91
C THR D 114 12.65 0.43 38.62
N LEU D 115 13.79 1.11 38.46
CA LEU D 115 15.07 0.66 39.01
C LEU D 115 15.34 1.40 40.33
N ASP D 116 16.26 0.85 41.12
CA ASP D 116 16.79 1.53 42.28
C ASP D 116 17.62 2.74 41.83
N ALA D 117 18.38 2.59 40.74
CA ALA D 117 19.27 3.66 40.22
C ALA D 117 18.49 4.97 40.00
N VAL D 118 19.19 6.12 40.10
CA VAL D 118 18.56 7.44 39.89
C VAL D 118 19.42 8.15 38.82
N LEU D 119 18.84 9.20 38.24
CA LEU D 119 19.48 9.98 37.18
C LEU D 119 20.55 10.89 37.79
N LYS D 120 21.75 10.74 37.25
CA LYS D 120 22.91 11.48 37.66
C LYS D 120 23.26 12.44 36.53
N PRO D 121 23.73 13.67 36.84
CA PRO D 121 24.26 14.57 35.81
C PRO D 121 25.63 14.13 35.27
N ASN D 122 25.99 14.66 34.09
CA ASN D 122 27.27 14.41 33.39
C ASN D 122 27.50 12.91 33.24
N THR D 123 26.42 12.19 32.92
CA THR D 123 26.42 10.73 32.87
C THR D 123 25.74 10.32 31.57
N LYS D 124 26.34 9.37 30.85
CA LYS D 124 25.74 8.81 29.64
C LYS D 124 25.15 7.45 30.00
N TYR D 125 23.86 7.32 29.64
CA TYR D 125 23.04 6.11 29.85
C TYR D 125 22.91 5.36 28.51
N THR D 126 23.26 4.07 28.53
CA THR D 126 23.15 3.19 27.35
C THR D 126 22.24 2.01 27.71
N LEU D 127 21.06 1.98 27.09
CA LEU D 127 20.05 0.97 27.32
C LEU D 127 20.03 0.08 26.07
N THR D 128 20.33 -1.22 26.20
CA THR D 128 20.29 -2.15 25.04
C THR D 128 19.30 -3.31 25.30
N VAL D 129 18.59 -3.68 24.23
CA VAL D 129 17.50 -4.60 24.32
C VAL D 129 17.44 -5.33 22.99
N ASP D 130 17.19 -6.64 23.07
CA ASP D 130 17.04 -7.43 21.89
C ASP D 130 15.55 -7.51 21.57
N ILE D 131 15.22 -7.25 20.31
CA ILE D 131 13.84 -7.28 19.87
C ILE D 131 13.65 -8.45 18.90
N GLY D 132 12.66 -9.29 19.24
CA GLY D 132 12.26 -10.54 18.55
C GLY D 132 11.02 -10.41 17.69
N ASN D 133 11.14 -10.83 16.41
CA ASN D 133 9.99 -10.96 15.51
C ASN D 133 9.70 -12.44 15.27
N SER D 134 8.78 -13.01 16.05
CA SER D 134 8.38 -14.41 15.95
C SER D 134 7.80 -14.72 14.57
N GLY D 135 8.27 -15.84 14.00
CA GLY D 135 7.93 -16.29 12.66
C GLY D 135 7.58 -17.78 12.58
N GLY D 136 7.00 -18.15 11.44
CA GLY D 136 6.47 -19.46 11.21
C GLY D 136 4.97 -19.46 11.47
N SER D 137 4.57 -20.44 12.27
CA SER D 137 3.18 -20.68 12.49
C SER D 137 2.96 -21.00 13.96
N PHE D 138 1.98 -20.30 14.54
CA PHE D 138 1.50 -20.56 15.87
C PHE D 138 0.46 -21.68 15.78
N GLN D 139 0.98 -22.91 15.60
CA GLN D 139 0.23 -24.15 15.52
C GLN D 139 -0.89 -24.02 14.47
N GLY D 140 -0.62 -23.39 13.32
CA GLY D 140 -1.69 -22.97 12.37
C GLY D 140 -1.58 -21.51 11.90
N PHE D 141 -2.42 -20.59 12.44
CA PHE D 141 -2.51 -19.19 11.90
C PHE D 141 -1.08 -18.64 11.88
N PRO D 142 -0.61 -18.10 10.73
CA PRO D 142 0.80 -17.73 10.61
C PRO D 142 1.19 -16.56 11.53
N LEU D 143 2.46 -16.53 11.91
CA LEU D 143 3.12 -15.47 12.72
C LEU D 143 3.72 -14.39 11.82
N ASP D 144 3.45 -14.46 10.52
CA ASP D 144 3.85 -13.43 9.57
C ASP D 144 3.33 -12.07 10.04
N GLY D 145 4.16 -11.03 9.87
CA GLY D 145 3.86 -9.68 10.30
C GLY D 145 4.41 -9.44 11.70
N PHE D 146 4.32 -8.19 12.15
CA PHE D 146 5.12 -7.65 13.29
C PHE D 146 4.48 -6.32 13.70
N PRO D 147 4.22 -6.11 15.01
CA PRO D 147 3.52 -4.91 15.45
C PRO D 147 4.45 -3.71 15.65
N GLY D 148 5.76 -3.95 15.48
CA GLY D 148 6.78 -2.96 15.79
C GLY D 148 7.12 -3.02 17.28
N TYR D 149 7.94 -2.05 17.69
CA TYR D 149 8.34 -1.97 19.07
C TYR D 149 8.67 -0.53 19.43
N ARG D 150 8.72 -0.29 20.75
CA ARG D 150 9.27 0.96 21.22
C ARG D 150 9.97 0.65 22.54
N VAL D 151 11.18 1.20 22.67
CA VAL D 151 11.94 1.05 23.90
C VAL D 151 12.17 2.43 24.51
N GLU D 152 11.87 2.54 25.81
CA GLU D 152 11.94 3.81 26.50
C GLU D 152 12.85 3.72 27.73
N LEU D 153 13.69 4.75 27.90
CA LEU D 153 14.34 5.06 29.17
C LEU D 153 13.60 6.21 29.85
N LEU D 154 13.23 5.99 31.12
CA LEU D 154 12.46 6.94 31.91
C LEU D 154 13.32 7.49 33.05
N ALA D 155 12.90 8.64 33.55
CA ALA D 155 13.28 9.09 34.85
C ALA D 155 11.99 9.58 35.50
N GLY D 156 11.67 9.10 36.71
CA GLY D 156 10.31 9.36 37.25
C GLY D 156 9.27 8.80 36.29
N ASP D 157 8.30 9.62 35.88
CA ASP D 157 7.40 9.16 34.86
C ASP D 157 7.65 9.92 33.56
N THR D 158 8.84 10.51 33.39
CA THR D 158 9.20 11.18 32.15
C THR D 158 9.94 10.20 31.21
N VAL D 159 9.57 10.18 29.93
CA VAL D 159 10.34 9.45 28.94
C VAL D 159 11.54 10.30 28.52
N LEU D 160 12.74 9.93 28.96
CA LEU D 160 13.94 10.67 28.62
C LEU D 160 14.31 10.45 27.14
N ALA D 161 14.43 9.18 26.73
CA ALA D 161 14.86 8.83 25.42
C ALA D 161 14.06 7.63 24.96
N ALA D 162 13.89 7.49 23.64
CA ALA D 162 13.09 6.39 23.14
C ALA D 162 13.53 6.09 21.70
N ASP D 163 13.40 4.81 21.33
CA ASP D 163 13.45 4.37 19.95
C ASP D 163 12.19 3.58 19.62
N GLN D 164 11.55 3.97 18.52
CA GLN D 164 10.44 3.25 17.96
C GLN D 164 10.80 2.90 16.52
N ASN D 165 10.96 1.58 16.30
CA ASN D 165 11.08 0.96 14.97
C ASN D 165 12.29 1.42 14.12
N ASN D 166 13.38 1.94 14.72
CA ASN D 166 14.52 2.32 13.91
C ASN D 166 15.23 1.07 13.37
N LEU D 167 15.06 -0.04 14.08
CA LEU D 167 15.59 -1.37 13.77
C LEU D 167 14.57 -2.22 12.99
N TYR D 168 15.00 -2.84 11.88
CA TYR D 168 14.22 -3.81 11.12
C TYR D 168 14.53 -5.21 11.64
N ILE D 169 13.51 -5.97 12.05
CA ILE D 169 13.71 -7.31 12.55
C ILE D 169 12.96 -8.25 11.61
N LYS D 170 13.70 -9.21 11.05
CA LYS D 170 13.17 -10.15 10.10
C LYS D 170 12.32 -11.18 10.84
N GLU D 171 11.44 -11.86 10.10
CA GLU D 171 10.74 -13.02 10.67
C GLU D 171 11.81 -14.01 11.15
N LYS D 172 11.64 -14.54 12.36
CA LYS D 172 12.46 -15.59 12.96
C LYS D 172 13.79 -15.02 13.49
N ASP D 173 13.91 -13.69 13.61
CA ASP D 173 15.19 -13.07 14.00
C ASP D 173 15.02 -12.16 15.22
N PHE D 174 16.16 -11.86 15.83
CA PHE D 174 16.37 -10.94 16.93
C PHE D 174 17.46 -9.97 16.50
N LYS D 175 17.29 -8.68 16.80
CA LYS D 175 18.29 -7.65 16.63
C LYS D 175 18.29 -6.79 17.90
N THR D 176 19.45 -6.19 18.19
CA THR D 176 19.64 -5.31 19.35
C THR D 176 19.44 -3.84 18.97
N THR D 177 18.60 -3.14 19.77
CA THR D 177 18.52 -1.71 19.64
C THR D 177 19.25 -1.06 20.82
N THR D 178 19.77 0.12 20.59
CA THR D 178 20.44 0.94 21.61
C THR D 178 19.67 2.25 21.85
N VAL D 179 19.30 2.54 23.11
CA VAL D 179 18.75 3.85 23.48
C VAL D 179 19.74 4.59 24.39
N THR D 180 20.11 5.82 24.03
CA THR D 180 21.13 6.55 24.77
C THR D 180 20.56 7.87 25.30
N PHE D 181 21.06 8.29 26.46
CA PHE D 181 20.69 9.58 26.97
C PHE D 181 21.86 10.10 27.81
N ILE D 182 22.14 11.38 27.65
CA ILE D 182 23.02 12.15 28.54
C ILE D 182 22.19 13.16 29.35
N ALA D 183 22.30 13.08 30.67
CA ALA D 183 21.74 14.05 31.57
C ALA D 183 22.76 15.18 31.82
N THR D 184 22.34 16.43 31.67
CA THR D 184 23.20 17.59 31.96
C THR D 184 23.04 18.02 33.42
N PRO D 185 23.96 18.86 33.94
CA PRO D 185 23.82 19.43 35.28
C PRO D 185 22.55 20.28 35.45
N GLU D 186 21.99 20.74 34.33
CA GLU D 186 20.76 21.58 34.27
C GLU D 186 19.49 20.70 34.19
N SER D 187 19.63 19.37 34.08
CA SER D 187 18.47 18.51 33.93
C SER D 187 17.47 18.71 35.07
N PRO D 188 16.16 18.78 34.78
CA PRO D 188 15.15 18.82 35.84
C PRO D 188 14.87 17.48 36.54
N TYR D 189 15.49 16.38 36.10
CA TYR D 189 15.11 15.03 36.54
C TYR D 189 16.21 14.35 37.38
N LEU D 190 17.23 15.11 37.78
CA LEU D 190 18.33 14.58 38.58
C LEU D 190 17.74 14.01 39.86
N GLY D 191 18.20 12.81 40.21
CA GLY D 191 17.79 12.13 41.42
C GLY D 191 16.50 11.32 41.28
N GLN D 192 15.80 11.43 40.15
CA GLN D 192 14.61 10.62 39.92
C GLN D 192 15.00 9.19 39.52
N HIS D 193 14.18 8.21 39.91
CA HIS D 193 14.40 6.84 39.64
C HIS D 193 14.31 6.58 38.14
N LEU D 194 15.26 5.79 37.65
CA LEU D 194 15.30 5.38 36.25
C LEU D 194 14.22 4.31 36.10
N GLY D 195 13.71 4.20 34.87
CA GLY D 195 12.82 3.11 34.53
C GLY D 195 13.04 2.65 33.11
N ILE D 196 12.45 1.49 32.80
CA ILE D 196 12.53 1.01 31.46
C ILE D 196 11.15 0.57 31.02
N ARG D 197 10.81 0.89 29.76
CA ARG D 197 9.63 0.32 29.18
C ARG D 197 9.89 -0.31 27.82
N LEU D 198 9.23 -1.47 27.64
CA LEU D 198 9.31 -2.26 26.46
C LEU D 198 7.89 -2.37 25.90
N ILE D 199 7.64 -1.78 24.72
CA ILE D 199 6.28 -1.49 24.27
C ILE D 199 6.01 -2.16 22.92
N ASN D 200 4.80 -2.76 22.87
CA ASN D 200 4.11 -3.20 21.68
C ASN D 200 3.19 -2.09 21.23
N PRO D 201 3.52 -1.35 20.14
CA PRO D 201 2.69 -0.26 19.65
C PRO D 201 1.56 -0.66 18.70
N LEU D 202 1.43 -1.97 18.42
CA LEU D 202 0.26 -2.55 17.76
C LEU D 202 0.12 -1.91 16.37
N GLN D 203 1.22 -1.95 15.61
CA GLN D 203 1.31 -1.29 14.28
C GLN D 203 1.43 -2.34 13.16
N GLY D 204 0.78 -3.48 13.34
CA GLY D 204 0.88 -4.60 12.43
C GLY D 204 0.52 -5.90 13.11
N LYS D 205 -0.04 -6.85 12.34
CA LYS D 205 -0.35 -8.19 12.79
C LYS D 205 0.48 -9.15 11.95
N PHE D 206 0.90 -10.31 12.47
CA PHE D 206 0.66 -10.81 13.82
C PHE D 206 1.27 -9.92 14.91
N SER D 207 0.46 -9.49 15.89
CA SER D 207 0.82 -8.36 16.75
C SER D 207 1.49 -8.84 18.04
N GLY D 208 2.51 -9.70 17.85
CA GLY D 208 3.37 -10.14 18.93
C GLY D 208 4.77 -9.59 18.74
N VAL D 209 5.37 -9.04 19.80
CA VAL D 209 6.78 -8.68 19.81
C VAL D 209 7.43 -9.25 21.08
N ASP D 210 8.64 -9.78 20.92
CA ASP D 210 9.43 -10.35 21.97
C ASP D 210 10.67 -9.46 22.31
N PHE D 211 11.16 -9.65 23.53
CA PHE D 211 12.30 -8.92 24.10
C PHE D 211 13.26 -9.88 24.84
N ASP D 212 14.54 -9.50 24.91
CA ASP D 212 15.50 -10.26 25.70
C ASP D 212 16.68 -9.36 26.07
N ASN D 213 17.41 -9.81 27.10
CA ASN D 213 18.75 -9.37 27.42
C ASN D 213 18.83 -7.86 27.59
N VAL D 214 18.03 -7.37 28.54
CA VAL D 214 17.98 -5.97 28.81
C VAL D 214 19.23 -5.59 29.62
N ARG D 215 19.95 -4.57 29.13
CA ARG D 215 21.19 -4.09 29.72
C ARG D 215 21.17 -2.56 29.78
N LEU D 216 21.67 -2.01 30.89
CA LEU D 216 21.73 -0.58 31.11
C LEU D 216 23.06 -0.22 31.77
N THR D 217 23.84 0.66 31.14
CA THR D 217 25.05 1.16 31.77
C THR D 217 24.95 2.66 31.98
N ALA D 218 25.79 3.17 32.91
CA ALA D 218 26.05 4.57 33.16
C ALA D 218 27.56 4.80 33.08
N GLU D 219 27.98 5.85 32.38
CA GLU D 219 29.38 6.22 32.34
C GLU D 219 29.47 7.74 32.46
N PRO D 220 30.56 8.26 33.07
CA PRO D 220 30.86 9.69 32.95
C PRO D 220 30.84 10.17 31.50
N ALA D 221 30.29 11.37 31.30
CA ALA D 221 30.35 12.01 30.02
C ALA D 221 30.65 13.48 30.24
N GLU D 222 31.23 14.12 29.22
CA GLU D 222 31.43 15.54 29.21
C GLU D 222 30.22 16.12 28.47
N THR D 223 29.68 17.24 29.00
CA THR D 223 28.52 17.96 28.46
C THR D 223 28.98 19.27 27.83
#